data_1S4B
#
_entry.id   1S4B
#
_cell.length_a   77.167
_cell.length_b   99.104
_cell.length_c   105.505
_cell.angle_alpha   90.00
_cell.angle_beta   90.00
_cell.angle_gamma   90.00
#
_symmetry.space_group_name_H-M   'P 21 21 21'
#
loop_
_entity.id
_entity.type
_entity.pdbx_description
1 polymer 'Thimet oligopeptidase'
2 non-polymer 'ZINC ION'
3 water water
#
_entity_poly.entity_id   1
_entity_poly.type   'polypeptide(L)'
_entity_poly.pdbx_seq_one_letter_code
;SPCSVVNDLRWDLSAQQIEERTRELIEQTKRVYDQVGTQEFEDVSYESTLKALADVEVTYTVQRNILDFPQHVSPSKDIR
TASTEADKKLSEFDVEMSMREDVYQRIVWLQEKVQKDSLRPEAARYLERLIKLGRRNGLHLPRETQENIKRIKKKLSLLC
IDFNKNLNEDTTFLPFTLQELGGLPEDFLNSLEKMEDGKLKVTLKYPHYFPLLKKCHVPETRRKVEEAFNSRCKEENSAI
LKELVTLRAQKSRLLGFHTHADYVLEMNMAKTSQTVATFLDELAQKLKPLGEQERAVILELKRAECERRGLPFDGRIRAW
DMRYYMNQVEETRYCVDQNLLKEYFPVQVVTHGLLGIYQELLGLAFHHEEGASAWHEDVRLYTARDAASGEVVGKFYLDL
YPREGKYGHAACFGLQPGCLRQDGSRQIAIAAMVANFTKPTADAPSLLQHDEVETYFHEFGHVMHQLCSQAEFAMFSGTH
VERDFVEAPSQMLENWVWEQEPLLRMSRHYRTGSAVPRELLEKLIESRQANTGLFNLRQIVLAKVDQALHTQTDADPAEE
YARLCQEILGVPATPGTNMPATFGHLAGGYDAQYYGYLWSEVYSMDMFHTRFKQEGVLNSKVGMDYRSCILRPGGSEDAS
AMLRRFLGRDPKQDAFLLSKGLQVGGCEPEPQVC
;
_entity_poly.pdbx_strand_id   P
#
loop_
_chem_comp.id
_chem_comp.type
_chem_comp.name
_chem_comp.formula
ZN non-polymer 'ZINC ION' 'Zn 2'
#
# COMPACT_ATOMS: atom_id res chain seq x y z
N LEU A 9 25.54 -2.74 -5.61
CA LEU A 9 24.58 -3.89 -5.72
C LEU A 9 25.20 -5.08 -6.44
N ARG A 10 24.88 -6.27 -5.96
CA ARG A 10 25.39 -7.52 -6.53
C ARG A 10 24.20 -8.43 -6.82
N TRP A 11 24.18 -9.05 -8.00
CA TRP A 11 23.06 -9.93 -8.36
C TRP A 11 23.47 -11.34 -8.75
N ASP A 12 24.75 -11.65 -8.61
CA ASP A 12 25.24 -12.97 -8.96
C ASP A 12 25.62 -13.80 -7.73
N LEU A 13 25.05 -13.44 -6.58
CA LEU A 13 25.33 -14.18 -5.35
C LEU A 13 24.59 -15.51 -5.32
N SER A 14 25.29 -16.57 -4.94
CA SER A 14 24.69 -17.89 -4.84
C SER A 14 23.94 -18.01 -3.52
N ALA A 15 23.26 -19.13 -3.32
CA ALA A 15 22.52 -19.34 -2.09
C ALA A 15 23.48 -19.41 -0.92
N GLN A 16 24.67 -19.95 -1.15
CA GLN A 16 25.67 -20.07 -0.09
C GLN A 16 26.28 -18.74 0.30
N GLN A 17 26.52 -17.87 -0.69
CA GLN A 17 27.10 -16.57 -0.40
C GLN A 17 26.11 -15.70 0.37
N ILE A 18 24.82 -15.87 0.06
CA ILE A 18 23.79 -15.11 0.76
C ILE A 18 23.81 -15.50 2.23
N GLU A 19 23.95 -16.80 2.48
CA GLU A 19 24.00 -17.32 3.85
C GLU A 19 25.22 -16.75 4.57
N GLU A 20 26.37 -16.81 3.92
CA GLU A 20 27.60 -16.29 4.49
C GLU A 20 27.55 -14.79 4.69
N ARG A 21 27.12 -14.08 3.66
CA ARG A 21 27.00 -12.63 3.69
C ARG A 21 26.13 -12.16 4.83
N THR A 22 25.06 -12.90 5.12
CA THR A 22 24.15 -12.54 6.19
C THR A 22 24.83 -12.58 7.56
N ARG A 23 25.54 -13.67 7.84
CA ARG A 23 26.24 -13.79 9.13
C ARG A 23 27.28 -12.68 9.29
N GLU A 24 28.02 -12.41 8.23
CA GLU A 24 29.06 -11.38 8.26
C GLU A 24 28.48 -10.00 8.52
N LEU A 25 27.43 -9.67 7.76
CA LEU A 25 26.77 -8.37 7.90
C LEU A 25 26.30 -8.16 9.33
N ILE A 26 25.65 -9.16 9.89
CA ILE A 26 25.15 -9.08 11.26
C ILE A 26 26.30 -8.86 12.25
N GLU A 27 27.38 -9.63 12.12
CA GLU A 27 28.52 -9.49 13.01
C GLU A 27 29.18 -8.12 12.89
N GLN A 28 29.38 -7.66 11.66
CA GLN A 28 30.00 -6.36 11.44
C GLN A 28 29.12 -5.23 11.98
N THR A 29 27.81 -5.33 11.73
CA THR A 29 26.90 -4.30 12.18
C THR A 29 26.76 -4.30 13.70
N LYS A 30 26.62 -5.49 14.27
CA LYS A 30 26.48 -5.62 15.72
C LYS A 30 27.70 -5.00 16.39
N ARG A 31 28.86 -5.12 15.75
CA ARG A 31 30.11 -4.58 16.28
C ARG A 31 30.01 -3.08 16.53
N VAL A 32 29.43 -2.36 15.59
CA VAL A 32 29.27 -0.90 15.72
C VAL A 32 28.35 -0.60 16.90
N TYR A 33 27.23 -1.32 16.99
CA TYR A 33 26.30 -1.10 18.09
C TYR A 33 26.96 -1.41 19.43
N ASP A 34 27.75 -2.48 19.50
CA ASP A 34 28.43 -2.81 20.76
C ASP A 34 29.35 -1.67 21.15
N GLN A 35 30.07 -1.13 20.18
CA GLN A 35 30.99 -0.02 20.44
C GLN A 35 30.23 1.21 20.95
N VAL A 36 29.11 1.53 20.32
CA VAL A 36 28.32 2.68 20.74
C VAL A 36 27.69 2.38 22.11
N GLY A 37 27.25 1.14 22.28
CA GLY A 37 26.62 0.73 23.52
C GLY A 37 27.52 0.66 24.74
N THR A 38 28.83 0.64 24.56
CA THR A 38 29.75 0.56 25.69
C THR A 38 30.58 1.81 25.91
N GLN A 39 30.21 2.91 25.25
CA GLN A 39 30.94 4.16 25.42
C GLN A 39 30.71 4.72 26.81
N GLU A 40 31.73 5.35 27.37
CA GLU A 40 31.58 5.97 28.68
C GLU A 40 30.96 7.34 28.38
N PHE A 41 30.22 7.88 29.34
CA PHE A 41 29.57 9.17 29.15
C PHE A 41 30.48 10.22 28.51
N GLU A 42 31.67 10.36 29.08
CA GLU A 42 32.66 11.33 28.61
C GLU A 42 33.03 11.21 27.13
N ASP A 43 33.03 9.99 26.60
CA ASP A 43 33.40 9.77 25.20
C ASP A 43 32.25 9.90 24.21
N VAL A 44 31.05 10.16 24.72
CA VAL A 44 29.88 10.31 23.87
C VAL A 44 29.98 11.62 23.09
N SER A 45 29.84 11.53 21.77
CA SER A 45 29.92 12.70 20.91
C SER A 45 29.04 12.51 19.69
N TYR A 46 28.81 13.60 18.97
CA TYR A 46 28.01 13.54 17.76
C TYR A 46 28.63 12.56 16.76
N GLU A 47 29.94 12.68 16.55
CA GLU A 47 30.64 11.81 15.62
C GLU A 47 30.74 10.34 16.08
N SER A 48 31.00 10.12 17.36
CA SER A 48 31.14 8.75 17.86
C SER A 48 29.81 8.06 18.15
N THR A 49 28.73 8.83 18.19
CA THR A 49 27.43 8.26 18.51
C THR A 49 26.39 8.40 17.40
N LEU A 50 25.99 9.64 17.11
CA LEU A 50 24.99 9.87 16.08
C LEU A 50 25.51 9.48 14.70
N LYS A 51 26.65 10.05 14.31
CA LYS A 51 27.23 9.76 13.01
C LYS A 51 27.56 8.28 12.85
N ALA A 52 28.06 7.67 13.93
CA ALA A 52 28.40 6.25 13.90
C ALA A 52 27.18 5.40 13.57
N LEU A 53 26.05 5.69 14.22
CA LEU A 53 24.82 4.93 13.97
C LEU A 53 24.27 5.28 12.57
N ALA A 54 24.33 6.55 12.21
CA ALA A 54 23.83 6.97 10.90
C ALA A 54 24.65 6.32 9.78
N ASP A 55 25.96 6.29 9.97
CA ASP A 55 26.85 5.69 8.97
C ASP A 55 26.63 4.19 8.81
N VAL A 56 26.48 3.46 9.90
CA VAL A 56 26.29 2.02 9.79
C VAL A 56 24.93 1.71 9.15
N GLU A 57 23.94 2.57 9.34
CA GLU A 57 22.63 2.34 8.73
C GLU A 57 22.79 2.35 7.22
N VAL A 58 23.68 3.20 6.73
CA VAL A 58 23.90 3.29 5.29
C VAL A 58 24.50 1.98 4.75
N THR A 59 25.61 1.55 5.34
CA THR A 59 26.25 0.32 4.89
C THR A 59 25.36 -0.90 5.05
N TYR A 60 24.66 -0.97 6.18
CA TYR A 60 23.77 -2.09 6.47
C TYR A 60 22.57 -2.19 5.52
N THR A 61 21.92 -1.06 5.25
CA THR A 61 20.75 -1.03 4.40
C THR A 61 21.02 -1.55 2.99
N VAL A 62 22.11 -1.10 2.40
CA VAL A 62 22.49 -1.53 1.06
C VAL A 62 22.67 -3.05 1.04
N GLN A 63 23.46 -3.56 1.99
CA GLN A 63 23.72 -4.99 2.08
C GLN A 63 22.47 -5.80 2.37
N ARG A 64 21.66 -5.34 3.31
CA ARG A 64 20.44 -6.06 3.66
C ARG A 64 19.52 -6.22 2.45
N ASN A 65 19.35 -5.16 1.67
CA ASN A 65 18.47 -5.21 0.50
C ASN A 65 18.97 -6.20 -0.56
N ILE A 66 20.29 -6.31 -0.69
CA ILE A 66 20.88 -7.23 -1.66
C ILE A 66 20.55 -8.66 -1.25
N LEU A 67 20.53 -8.91 0.06
CA LEU A 67 20.25 -10.23 0.60
C LEU A 67 18.75 -10.59 0.63
N ASP A 68 17.87 -9.60 0.89
CA ASP A 68 16.45 -9.93 0.95
C ASP A 68 15.64 -9.70 -0.33
N PHE A 69 16.26 -9.12 -1.34
CA PHE A 69 15.55 -8.87 -2.59
C PHE A 69 15.37 -10.11 -3.47
N PRO A 70 16.41 -10.96 -3.59
CA PRO A 70 16.31 -12.17 -4.42
C PRO A 70 15.09 -13.05 -4.19
N GLN A 71 14.55 -13.04 -2.97
CA GLN A 71 13.38 -13.86 -2.68
C GLN A 71 12.18 -13.44 -3.52
N HIS A 72 12.17 -12.18 -3.94
CA HIS A 72 11.04 -11.69 -4.74
C HIS A 72 11.21 -11.82 -6.25
N VAL A 73 12.44 -12.00 -6.72
CA VAL A 73 12.65 -12.06 -8.17
C VAL A 73 13.56 -13.12 -8.76
N SER A 74 14.44 -13.70 -7.94
CA SER A 74 15.37 -14.69 -8.46
C SER A 74 14.67 -15.87 -9.14
N PRO A 75 15.12 -16.25 -10.34
CA PRO A 75 14.48 -17.39 -10.99
C PRO A 75 14.89 -18.71 -10.34
N SER A 76 15.88 -18.65 -9.45
CA SER A 76 16.38 -19.82 -8.74
C SER A 76 15.72 -20.03 -7.38
N LYS A 77 15.12 -21.20 -7.19
CA LYS A 77 14.43 -21.48 -5.93
C LYS A 77 15.39 -21.57 -4.74
N ASP A 78 16.59 -22.09 -4.96
CA ASP A 78 17.57 -22.20 -3.87
C ASP A 78 17.97 -20.80 -3.40
N ILE A 79 18.13 -19.88 -4.35
CA ILE A 79 18.51 -18.52 -4.01
C ILE A 79 17.36 -17.80 -3.31
N ARG A 80 16.15 -18.05 -3.80
CA ARG A 80 14.96 -17.45 -3.22
C ARG A 80 14.78 -17.87 -1.78
N THR A 81 14.99 -19.15 -1.50
CA THR A 81 14.83 -19.68 -0.16
C THR A 81 15.87 -19.11 0.80
N ALA A 82 17.12 -19.04 0.37
CA ALA A 82 18.19 -18.50 1.21
C ALA A 82 17.93 -17.02 1.48
N SER A 83 17.37 -16.33 0.48
CA SER A 83 17.06 -14.91 0.63
C SER A 83 15.97 -14.74 1.68
N THR A 84 14.95 -15.60 1.62
CA THR A 84 13.87 -15.55 2.58
C THR A 84 14.39 -15.80 3.99
N GLU A 85 15.28 -16.76 4.12
CA GLU A 85 15.84 -17.08 5.44
C GLU A 85 16.71 -15.94 5.94
N ALA A 86 17.48 -15.32 5.05
CA ALA A 86 18.33 -14.21 5.44
C ALA A 86 17.44 -13.06 5.93
N ASP A 87 16.35 -12.82 5.22
CA ASP A 87 15.39 -11.75 5.56
C ASP A 87 14.92 -11.95 7.00
N LYS A 88 14.62 -13.18 7.36
CA LYS A 88 14.14 -13.48 8.71
C LYS A 88 15.22 -13.20 9.75
N LYS A 89 16.45 -13.65 9.49
CA LYS A 89 17.55 -13.43 10.43
C LYS A 89 17.84 -11.94 10.58
N LEU A 90 17.85 -11.24 9.45
CA LEU A 90 18.11 -9.80 9.47
C LEU A 90 17.00 -9.02 10.17
N SER A 91 15.75 -9.44 9.98
CA SER A 91 14.61 -8.77 10.62
C SER A 91 14.68 -8.97 12.13
N GLU A 92 15.06 -10.16 12.56
CA GLU A 92 15.18 -10.44 13.98
C GLU A 92 16.28 -9.56 14.53
N PHE A 93 17.38 -9.46 13.77
CA PHE A 93 18.50 -8.64 14.16
C PHE A 93 18.09 -7.18 14.31
N ASP A 94 17.30 -6.67 13.36
CA ASP A 94 16.84 -5.29 13.41
C ASP A 94 16.10 -5.01 14.71
N VAL A 95 15.20 -5.91 15.08
CA VAL A 95 14.43 -5.76 16.30
C VAL A 95 15.37 -5.82 17.50
N GLU A 96 16.28 -6.77 17.49
CA GLU A 96 17.24 -6.92 18.57
C GLU A 96 18.01 -5.63 18.82
N MET A 97 18.51 -5.01 17.75
CA MET A 97 19.27 -3.76 17.91
C MET A 97 18.40 -2.60 18.38
N SER A 98 17.15 -2.55 17.93
CA SER A 98 16.25 -1.47 18.32
C SER A 98 15.90 -1.50 19.81
N MET A 99 16.02 -2.67 20.43
CA MET A 99 15.71 -2.83 21.85
C MET A 99 16.94 -2.70 22.75
N ARG A 100 18.08 -2.36 22.16
CA ARG A 100 19.33 -2.21 22.92
C ARG A 100 19.27 -1.06 23.92
N GLU A 101 19.17 -1.39 25.21
CA GLU A 101 19.11 -0.36 26.23
C GLU A 101 20.45 0.35 26.42
N ASP A 102 21.55 -0.38 26.23
CA ASP A 102 22.86 0.23 26.39
C ASP A 102 23.09 1.30 25.33
N VAL A 103 22.70 1.00 24.10
CA VAL A 103 22.87 1.96 23.01
C VAL A 103 21.93 3.15 23.23
N TYR A 104 20.70 2.88 23.68
CA TYR A 104 19.76 3.97 23.91
C TYR A 104 20.30 4.94 24.96
N GLN A 105 20.97 4.42 25.99
CA GLN A 105 21.53 5.28 27.03
C GLN A 105 22.49 6.29 26.43
N ARG A 106 23.33 5.85 25.49
CA ARG A 106 24.29 6.77 24.86
C ARG A 106 23.59 7.80 23.99
N ILE A 107 22.46 7.42 23.39
CA ILE A 107 21.72 8.35 22.55
C ILE A 107 21.09 9.41 23.45
N VAL A 108 20.57 8.99 24.60
CA VAL A 108 19.97 9.90 25.57
C VAL A 108 21.05 10.86 26.09
N TRP A 109 22.24 10.31 26.35
CA TRP A 109 23.35 11.13 26.84
C TRP A 109 23.75 12.16 25.80
N LEU A 110 23.78 11.75 24.54
CA LEU A 110 24.14 12.67 23.47
C LEU A 110 23.13 13.81 23.42
N GLN A 111 21.85 13.47 23.56
CA GLN A 111 20.82 14.49 23.53
C GLN A 111 21.03 15.50 24.66
N GLU A 112 21.58 15.01 25.77
CA GLU A 112 21.85 15.88 26.92
C GLU A 112 23.03 16.79 26.60
N LYS A 113 24.11 16.20 26.08
CA LYS A 113 25.34 16.92 25.76
C LYS A 113 25.24 17.89 24.57
N VAL A 114 24.36 17.61 23.62
CA VAL A 114 24.20 18.46 22.45
C VAL A 114 23.57 19.81 22.78
N GLN A 115 24.31 20.88 22.54
CA GLN A 115 23.82 22.23 22.81
C GLN A 115 22.57 22.49 21.98
N LYS A 116 21.64 23.25 22.56
CA LYS A 116 20.39 23.57 21.88
C LYS A 116 20.58 24.24 20.52
N ASP A 117 19.94 23.68 19.49
CA ASP A 117 20.00 24.22 18.13
C ASP A 117 21.40 24.22 17.51
N SER A 118 22.26 23.33 17.99
CA SER A 118 23.62 23.25 17.47
C SER A 118 23.72 22.39 16.21
N LEU A 119 22.76 21.49 16.04
CA LEU A 119 22.77 20.58 14.91
C LEU A 119 22.04 21.06 13.66
N ARG A 120 22.45 20.52 12.52
CA ARG A 120 21.81 20.82 11.26
C ARG A 120 20.40 20.23 11.39
N PRO A 121 19.41 20.86 10.74
CA PRO A 121 18.02 20.38 10.80
C PRO A 121 17.79 18.87 10.65
N GLU A 122 18.36 18.23 9.62
CA GLU A 122 18.12 16.81 9.44
C GLU A 122 18.80 15.98 10.53
N ALA A 123 19.95 16.46 10.99
CA ALA A 123 20.68 15.76 12.05
C ALA A 123 19.88 15.84 13.35
N ALA A 124 19.27 16.99 13.60
CA ALA A 124 18.44 17.19 14.79
C ALA A 124 17.21 16.28 14.72
N ARG A 125 16.63 16.19 13.53
CA ARG A 125 15.46 15.36 13.30
C ARG A 125 15.82 13.89 13.51
N TYR A 126 17.00 13.50 13.02
CA TYR A 126 17.47 12.13 13.16
C TYR A 126 17.64 11.78 14.64
N LEU A 127 18.26 12.67 15.40
CA LEU A 127 18.46 12.44 16.82
C LEU A 127 17.12 12.31 17.53
N GLU A 128 16.20 13.24 17.24
CA GLU A 128 14.88 13.19 17.86
C GLU A 128 14.14 11.91 17.52
N ARG A 129 14.28 11.44 16.27
CA ARG A 129 13.61 10.21 15.86
C ARG A 129 14.17 9.01 16.63
N LEU A 130 15.49 8.97 16.79
CA LEU A 130 16.10 7.87 17.53
C LEU A 130 15.57 7.87 18.97
N ILE A 131 15.49 9.05 19.58
CA ILE A 131 15.00 9.18 20.95
C ILE A 131 13.54 8.71 20.97
N LYS A 132 12.76 9.15 19.99
CA LYS A 132 11.34 8.78 19.91
C LYS A 132 11.11 7.29 19.73
N LEU A 133 11.84 6.67 18.80
CA LEU A 133 11.70 5.25 18.55
C LEU A 133 11.97 4.43 19.81
N GLY A 134 12.96 4.84 20.60
CA GLY A 134 13.27 4.13 21.83
C GLY A 134 12.14 4.25 22.83
N ARG A 135 11.55 5.44 22.92
CA ARG A 135 10.44 5.65 23.85
C ARG A 135 9.20 4.86 23.41
N ARG A 136 9.00 4.73 22.11
CA ARG A 136 7.84 3.98 21.61
C ARG A 136 8.08 2.49 21.86
N ASN A 137 9.34 2.14 22.08
CA ASN A 137 9.69 0.76 22.39
C ASN A 137 9.74 0.60 23.92
N GLY A 138 9.47 1.69 24.63
CA GLY A 138 9.47 1.68 26.08
C GLY A 138 10.80 1.58 26.81
N LEU A 139 11.91 1.87 26.12
CA LEU A 139 13.23 1.74 26.73
C LEU A 139 13.53 2.69 27.91
N HIS A 140 12.77 3.77 28.02
CA HIS A 140 12.98 4.76 29.09
C HIS A 140 12.16 4.47 30.35
N LEU A 141 11.27 3.49 30.26
CA LEU A 141 10.38 3.14 31.36
C LEU A 141 10.94 2.16 32.40
N PRO A 142 10.28 2.10 33.59
CA PRO A 142 10.70 1.20 34.67
C PRO A 142 10.72 -0.25 34.20
N ARG A 143 11.54 -1.07 34.86
CA ARG A 143 11.68 -2.47 34.49
C ARG A 143 10.34 -3.21 34.50
N GLU A 144 9.53 -2.98 35.53
CA GLU A 144 8.24 -3.66 35.61
C GLU A 144 7.34 -3.34 34.43
N THR A 145 7.39 -2.10 33.97
CA THR A 145 6.59 -1.69 32.83
C THR A 145 7.11 -2.37 31.56
N GLN A 146 8.42 -2.35 31.37
CA GLN A 146 9.01 -2.98 30.20
C GLN A 146 8.76 -4.49 30.17
N GLU A 147 8.76 -5.14 31.34
CA GLU A 147 8.50 -6.58 31.39
C GLU A 147 7.07 -6.88 30.94
N ASN A 148 6.13 -6.05 31.38
CA ASN A 148 4.74 -6.23 31.02
C ASN A 148 4.56 -5.96 29.53
N ILE A 149 5.24 -4.94 29.02
CA ILE A 149 5.15 -4.61 27.60
C ILE A 149 5.65 -5.81 26.79
N LYS A 150 6.80 -6.33 27.20
CA LYS A 150 7.40 -7.47 26.52
C LYS A 150 6.46 -8.67 26.51
N ARG A 151 5.83 -8.94 27.65
CA ARG A 151 4.90 -10.06 27.77
C ARG A 151 3.68 -9.86 26.87
N ILE A 152 3.16 -8.64 26.82
CA ILE A 152 2.00 -8.37 25.99
C ILE A 152 2.33 -8.45 24.50
N LYS A 153 3.50 -7.93 24.12
CA LYS A 153 3.93 -7.97 22.73
C LYS A 153 4.03 -9.40 22.21
N LYS A 154 4.49 -10.30 23.07
CA LYS A 154 4.65 -11.69 22.69
C LYS A 154 3.28 -12.33 22.42
N LYS A 155 2.34 -12.10 23.33
CA LYS A 155 1.00 -12.63 23.18
C LYS A 155 0.34 -12.06 21.93
N LEU A 156 0.51 -10.76 21.70
CA LEU A 156 -0.07 -10.11 20.53
C LEU A 156 0.43 -10.72 19.23
N SER A 157 1.74 -10.99 19.15
CA SER A 157 2.30 -11.57 17.94
C SER A 157 1.67 -12.92 17.64
N LEU A 158 1.55 -13.74 18.68
CA LEU A 158 0.96 -15.08 18.53
C LEU A 158 -0.51 -14.98 18.13
N LEU A 159 -1.23 -14.06 18.75
CA LEU A 159 -2.64 -13.88 18.42
C LEU A 159 -2.80 -13.45 16.96
N CYS A 160 -1.95 -12.54 16.50
CA CYS A 160 -2.05 -12.09 15.11
C CYS A 160 -1.71 -13.22 14.14
N ILE A 161 -0.70 -14.01 14.46
CA ILE A 161 -0.33 -15.13 13.60
C ILE A 161 -1.53 -16.08 13.47
N ASP A 162 -2.18 -16.38 14.58
CA ASP A 162 -3.33 -17.28 14.56
C ASP A 162 -4.54 -16.70 13.82
N PHE A 163 -4.80 -15.41 14.00
CA PHE A 163 -5.93 -14.76 13.32
C PHE A 163 -5.80 -14.97 11.81
N ASN A 164 -4.63 -14.64 11.28
CA ASN A 164 -4.36 -14.77 9.86
C ASN A 164 -4.30 -16.22 9.40
N LYS A 165 -3.57 -17.05 10.15
CA LYS A 165 -3.44 -18.46 9.82
C LYS A 165 -4.81 -19.14 9.78
N ASN A 166 -5.66 -18.83 10.76
CA ASN A 166 -6.99 -19.42 10.77
C ASN A 166 -7.69 -19.12 9.45
N LEU A 167 -7.66 -17.85 9.03
CA LEU A 167 -8.30 -17.47 7.76
C LEU A 167 -7.64 -18.12 6.55
N ASN A 168 -6.32 -18.08 6.47
CA ASN A 168 -5.62 -18.66 5.34
C ASN A 168 -5.70 -20.19 5.24
N GLU A 169 -5.75 -20.87 6.39
CA GLU A 169 -5.81 -22.34 6.38
C GLU A 169 -7.22 -22.87 6.15
N ASP A 170 -8.22 -22.02 6.28
CA ASP A 170 -9.61 -22.42 6.10
C ASP A 170 -9.85 -23.03 4.71
N THR A 171 -10.59 -24.13 4.68
CA THR A 171 -10.90 -24.82 3.44
C THR A 171 -12.41 -25.04 3.26
N THR A 172 -13.20 -24.07 3.71
CA THR A 172 -14.65 -24.18 3.60
C THR A 172 -15.06 -24.07 2.13
N PHE A 173 -16.05 -24.88 1.74
CA PHE A 173 -16.54 -24.86 0.37
C PHE A 173 -18.03 -25.15 0.37
N LEU A 174 -18.71 -24.76 -0.71
CA LEU A 174 -20.13 -25.01 -0.84
C LEU A 174 -20.38 -25.70 -2.17
N PRO A 175 -21.18 -26.78 -2.16
CA PRO A 175 -21.48 -27.52 -3.38
C PRO A 175 -22.67 -26.93 -4.14
N PHE A 176 -22.47 -26.64 -5.42
CA PHE A 176 -23.55 -26.08 -6.25
C PHE A 176 -23.66 -26.78 -7.60
N THR A 177 -24.89 -26.85 -8.12
CA THR A 177 -25.15 -27.47 -9.42
C THR A 177 -24.90 -26.42 -10.49
N LEU A 178 -24.72 -26.86 -11.73
CA LEU A 178 -24.47 -25.94 -12.85
C LEU A 178 -25.54 -24.87 -12.95
N GLN A 179 -26.78 -25.23 -12.60
CA GLN A 179 -27.88 -24.29 -12.66
C GLN A 179 -27.75 -23.24 -11.57
N GLU A 180 -27.45 -23.70 -10.36
CA GLU A 180 -27.29 -22.79 -9.22
C GLU A 180 -26.12 -21.84 -9.46
N LEU A 181 -25.26 -22.16 -10.42
CA LEU A 181 -24.11 -21.31 -10.73
C LEU A 181 -24.31 -20.51 -12.01
N GLY A 182 -25.57 -20.33 -12.40
CA GLY A 182 -25.88 -19.58 -13.61
C GLY A 182 -25.25 -18.20 -13.65
N GLY A 183 -24.68 -17.85 -14.80
CA GLY A 183 -24.05 -16.55 -14.95
C GLY A 183 -22.54 -16.65 -14.99
N LEU A 184 -21.99 -17.70 -14.41
CA LEU A 184 -20.55 -17.89 -14.41
C LEU A 184 -20.06 -18.42 -15.74
N PRO A 185 -18.94 -17.88 -16.25
CA PRO A 185 -18.35 -18.29 -17.52
C PRO A 185 -18.00 -19.78 -17.60
N GLU A 186 -17.76 -20.26 -18.81
CA GLU A 186 -17.41 -21.66 -19.02
C GLU A 186 -16.03 -21.97 -18.46
N ASP A 187 -15.09 -21.09 -18.72
CA ASP A 187 -13.73 -21.27 -18.22
C ASP A 187 -13.76 -21.46 -16.71
N PHE A 188 -14.54 -20.62 -16.03
CA PHE A 188 -14.66 -20.71 -14.58
C PHE A 188 -15.18 -22.09 -14.21
N LEU A 189 -16.33 -22.46 -14.79
CA LEU A 189 -16.92 -23.76 -14.54
C LEU A 189 -15.91 -24.80 -15.01
N ASN A 190 -16.11 -26.06 -14.63
CA ASN A 190 -15.21 -27.14 -15.01
C ASN A 190 -13.92 -27.07 -14.19
N SER A 191 -13.47 -25.85 -13.91
CA SER A 191 -12.25 -25.64 -13.13
C SER A 191 -12.52 -26.03 -11.68
N LEU A 192 -13.80 -26.25 -11.38
CA LEU A 192 -14.21 -26.62 -10.03
C LEU A 192 -14.19 -28.12 -9.83
N GLU A 193 -13.88 -28.54 -8.61
CA GLU A 193 -13.82 -29.96 -8.28
C GLU A 193 -15.21 -30.58 -8.37
N LYS A 194 -15.47 -31.28 -9.46
CA LYS A 194 -16.75 -31.92 -9.66
C LYS A 194 -16.90 -33.05 -8.64
N MET A 195 -17.91 -32.95 -7.79
CA MET A 195 -18.14 -33.96 -6.76
C MET A 195 -18.83 -35.19 -7.31
N GLU A 196 -18.64 -36.31 -6.62
CA GLU A 196 -19.23 -37.58 -7.02
C GLU A 196 -20.74 -37.52 -6.85
N ASP A 197 -21.26 -36.31 -6.67
CA ASP A 197 -22.68 -36.07 -6.50
C ASP A 197 -23.20 -35.30 -7.71
N GLY A 198 -22.27 -34.77 -8.50
CA GLY A 198 -22.63 -34.01 -9.68
C GLY A 198 -22.39 -32.53 -9.47
N LYS A 199 -22.63 -32.06 -8.25
CA LYS A 199 -22.44 -30.66 -7.90
C LYS A 199 -20.97 -30.24 -7.95
N LEU A 200 -20.74 -28.96 -8.23
CA LEU A 200 -19.38 -28.44 -8.29
C LEU A 200 -19.00 -27.81 -6.96
N LYS A 201 -17.73 -27.95 -6.59
CA LYS A 201 -17.23 -27.42 -5.33
C LYS A 201 -16.72 -25.99 -5.47
N VAL A 202 -17.33 -25.08 -4.72
CA VAL A 202 -16.93 -23.67 -4.74
C VAL A 202 -16.33 -23.33 -3.39
N THR A 203 -15.06 -22.91 -3.38
CA THR A 203 -14.38 -22.56 -2.14
C THR A 203 -14.55 -21.08 -1.83
N LEU A 204 -14.16 -20.67 -0.62
CA LEU A 204 -14.30 -19.28 -0.22
C LEU A 204 -13.09 -18.43 -0.57
N LYS A 205 -12.13 -19.02 -1.29
CA LYS A 205 -10.94 -18.29 -1.71
C LYS A 205 -11.36 -17.23 -2.71
N TYR A 206 -10.62 -16.11 -2.72
CA TYR A 206 -10.89 -14.98 -3.59
C TYR A 206 -11.12 -15.31 -5.07
N PRO A 207 -10.32 -16.22 -5.64
CA PRO A 207 -10.51 -16.55 -7.06
C PRO A 207 -11.90 -17.13 -7.36
N HIS A 208 -12.58 -17.61 -6.34
CA HIS A 208 -13.91 -18.19 -6.50
C HIS A 208 -14.98 -17.23 -5.99
N TYR A 209 -14.71 -16.61 -4.86
CA TYR A 209 -15.65 -15.69 -4.22
C TYR A 209 -16.07 -14.48 -5.05
N PHE A 210 -15.11 -13.65 -5.44
CA PHE A 210 -15.40 -12.44 -6.20
C PHE A 210 -16.11 -12.64 -7.54
N PRO A 211 -15.61 -13.53 -8.40
CA PRO A 211 -16.29 -13.73 -9.69
C PRO A 211 -17.72 -14.23 -9.51
N LEU A 212 -17.94 -15.02 -8.46
CA LEU A 212 -19.27 -15.57 -8.19
C LEU A 212 -20.24 -14.45 -7.80
N LEU A 213 -19.85 -13.64 -6.83
CA LEU A 213 -20.71 -12.55 -6.36
C LEU A 213 -20.94 -11.49 -7.43
N LYS A 214 -20.04 -11.41 -8.41
CA LYS A 214 -20.18 -10.41 -9.46
C LYS A 214 -20.85 -10.94 -10.72
N LYS A 215 -20.73 -12.24 -10.98
CA LYS A 215 -21.29 -12.81 -12.20
C LYS A 215 -22.49 -13.75 -12.06
N CYS A 216 -22.60 -14.46 -10.93
CA CYS A 216 -23.72 -15.38 -10.75
C CYS A 216 -25.04 -14.67 -10.56
N HIS A 217 -25.97 -14.88 -11.50
CA HIS A 217 -27.29 -14.25 -11.45
C HIS A 217 -28.30 -14.99 -10.57
N VAL A 218 -27.86 -16.04 -9.91
CA VAL A 218 -28.74 -16.81 -9.03
C VAL A 218 -28.59 -16.20 -7.63
N PRO A 219 -29.60 -15.45 -7.17
CA PRO A 219 -29.55 -14.81 -5.84
C PRO A 219 -29.28 -15.71 -4.64
N GLU A 220 -29.91 -16.87 -4.59
CA GLU A 220 -29.69 -17.79 -3.47
C GLU A 220 -28.24 -18.28 -3.39
N THR A 221 -27.59 -18.39 -4.54
CA THR A 221 -26.19 -18.81 -4.57
C THR A 221 -25.29 -17.69 -4.05
N ARG A 222 -25.59 -16.46 -4.42
CA ARG A 222 -24.79 -15.34 -3.94
C ARG A 222 -24.97 -15.22 -2.43
N ARG A 223 -26.21 -15.38 -1.98
CA ARG A 223 -26.55 -15.29 -0.57
C ARG A 223 -25.80 -16.32 0.29
N LYS A 224 -25.80 -17.57 -0.15
CA LYS A 224 -25.13 -18.64 0.59
C LYS A 224 -23.63 -18.41 0.68
N VAL A 225 -23.03 -17.98 -0.42
CA VAL A 225 -21.60 -17.74 -0.47
C VAL A 225 -21.19 -16.53 0.37
N GLU A 226 -21.99 -15.47 0.35
CA GLU A 226 -21.67 -14.27 1.11
C GLU A 226 -21.72 -14.59 2.59
N GLU A 227 -22.78 -15.29 3.00
CA GLU A 227 -22.93 -15.67 4.40
C GLU A 227 -21.73 -16.49 4.88
N ALA A 228 -21.33 -17.46 4.08
CA ALA A 228 -20.20 -18.32 4.43
C ALA A 228 -18.89 -17.57 4.48
N PHE A 229 -18.60 -16.80 3.45
CA PHE A 229 -17.36 -16.03 3.38
C PHE A 229 -17.22 -15.05 4.54
N ASN A 230 -18.32 -14.42 4.93
CA ASN A 230 -18.28 -13.46 6.02
C ASN A 230 -18.51 -14.09 7.38
N SER A 231 -18.45 -15.42 7.44
CA SER A 231 -18.63 -16.13 8.69
C SER A 231 -17.44 -17.03 9.01
N ARG A 232 -16.44 -17.00 8.14
CA ARG A 232 -15.23 -17.81 8.32
C ARG A 232 -14.58 -17.54 9.67
N CYS A 233 -14.16 -18.61 10.34
CA CYS A 233 -13.49 -18.52 11.64
C CYS A 233 -14.21 -17.61 12.62
N LYS A 234 -15.51 -17.44 12.44
CA LYS A 234 -16.31 -16.58 13.29
C LYS A 234 -16.02 -16.74 14.78
N GLU A 235 -16.19 -17.95 15.29
CA GLU A 235 -15.99 -18.21 16.71
C GLU A 235 -14.57 -17.95 17.24
N GLU A 236 -13.59 -18.60 16.64
CA GLU A 236 -12.19 -18.48 17.07
C GLU A 236 -11.61 -17.08 16.90
N ASN A 237 -11.80 -16.49 15.72
CA ASN A 237 -11.27 -15.17 15.44
C ASN A 237 -11.96 -14.03 16.18
N SER A 238 -13.23 -14.19 16.52
CA SER A 238 -13.92 -13.15 17.25
C SER A 238 -13.33 -13.13 18.66
N ALA A 239 -12.92 -14.31 19.14
CA ALA A 239 -12.33 -14.42 20.47
C ALA A 239 -10.94 -13.78 20.46
N ILE A 240 -10.16 -14.08 19.41
CA ILE A 240 -8.83 -13.52 19.28
C ILE A 240 -8.92 -11.99 19.19
N LEU A 241 -9.88 -11.51 18.41
CA LEU A 241 -10.06 -10.08 18.22
C LEU A 241 -10.35 -9.36 19.54
N LYS A 242 -11.17 -9.97 20.39
CA LYS A 242 -11.48 -9.37 21.67
C LYS A 242 -10.21 -9.25 22.52
N GLU A 243 -9.34 -10.25 22.41
CA GLU A 243 -8.09 -10.25 23.17
C GLU A 243 -7.10 -9.25 22.57
N LEU A 244 -7.05 -9.16 21.24
CA LEU A 244 -6.16 -8.19 20.60
C LEU A 244 -6.53 -6.79 21.08
N VAL A 245 -7.82 -6.47 21.07
CA VAL A 245 -8.30 -5.16 21.50
C VAL A 245 -7.87 -4.82 22.93
N THR A 246 -8.13 -5.74 23.86
CA THR A 246 -7.78 -5.53 25.25
C THR A 246 -6.28 -5.40 25.45
N LEU A 247 -5.52 -6.32 24.86
CA LEU A 247 -4.07 -6.30 25.02
C LEU A 247 -3.44 -5.05 24.40
N ARG A 248 -3.93 -4.65 23.23
CA ARG A 248 -3.39 -3.46 22.58
C ARG A 248 -3.66 -2.24 23.45
N ALA A 249 -4.84 -2.19 24.07
CA ALA A 249 -5.20 -1.08 24.94
C ALA A 249 -4.27 -1.03 26.15
N GLN A 250 -3.97 -2.19 26.72
CA GLN A 250 -3.09 -2.23 27.89
C GLN A 250 -1.67 -1.81 27.53
N LYS A 251 -1.16 -2.33 26.41
CA LYS A 251 0.18 -2.00 25.98
C LYS A 251 0.30 -0.51 25.72
N SER A 252 -0.71 0.07 25.06
CA SER A 252 -0.70 1.49 24.75
C SER A 252 -0.65 2.34 26.01
N ARG A 253 -1.37 1.94 27.05
CA ARG A 253 -1.37 2.69 28.31
C ARG A 253 -0.01 2.61 28.96
N LEU A 254 0.58 1.40 28.97
CA LEU A 254 1.89 1.21 29.56
C LEU A 254 2.94 2.06 28.85
N LEU A 255 2.70 2.34 27.58
CA LEU A 255 3.62 3.14 26.79
C LEU A 255 3.24 4.62 26.86
N GLY A 256 2.25 4.94 27.68
CA GLY A 256 1.83 6.32 27.87
C GLY A 256 0.70 6.92 27.05
N PHE A 257 -0.14 6.09 26.42
CA PHE A 257 -1.24 6.63 25.62
C PHE A 257 -2.59 6.15 26.13
N HIS A 258 -3.62 6.98 26.00
CA HIS A 258 -4.95 6.58 26.46
C HIS A 258 -5.61 5.52 25.59
N THR A 259 -5.22 5.42 24.32
CA THR A 259 -5.77 4.40 23.43
C THR A 259 -4.69 3.88 22.49
N HIS A 260 -4.92 2.70 21.93
CA HIS A 260 -3.97 2.12 21.00
C HIS A 260 -3.87 3.02 19.77
N ALA A 261 -5.00 3.50 19.31
CA ALA A 261 -5.03 4.38 18.13
C ALA A 261 -4.09 5.59 18.34
N ASP A 262 -4.17 6.22 19.50
CA ASP A 262 -3.33 7.39 19.76
C ASP A 262 -1.86 7.04 19.74
N TYR A 263 -1.54 5.83 20.19
CA TYR A 263 -0.17 5.36 20.17
C TYR A 263 0.27 5.20 18.71
N VAL A 264 -0.56 4.50 17.93
CA VAL A 264 -0.24 4.27 16.52
C VAL A 264 -0.16 5.56 15.70
N LEU A 265 -1.14 6.44 15.88
CA LEU A 265 -1.22 7.67 15.10
C LEU A 265 -0.16 8.74 15.39
N GLU A 266 0.54 8.62 16.52
CA GLU A 266 1.57 9.59 16.85
C GLU A 266 2.59 9.76 15.71
N MET A 267 2.85 8.69 14.97
CA MET A 267 3.82 8.75 13.87
C MET A 267 3.22 9.04 12.50
N ASN A 268 1.91 9.23 12.44
CA ASN A 268 1.23 9.51 11.18
C ASN A 268 0.91 10.98 11.01
N MET A 269 0.58 11.35 9.79
CA MET A 269 0.22 12.71 9.49
C MET A 269 -1.01 13.12 10.29
N ALA A 270 -1.97 12.20 10.43
CA ALA A 270 -3.21 12.46 11.17
C ALA A 270 -2.96 12.77 12.65
N LYS A 271 -1.89 12.21 13.20
CA LYS A 271 -1.49 12.46 14.59
C LYS A 271 -2.32 11.93 15.76
N THR A 272 -3.64 12.11 15.73
CA THR A 272 -4.50 11.66 16.83
C THR A 272 -5.78 10.99 16.38
N SER A 273 -6.38 10.18 17.26
CA SER A 273 -7.63 9.50 16.93
C SER A 273 -8.74 10.51 16.66
N GLN A 274 -8.69 11.64 17.37
CA GLN A 274 -9.70 12.69 17.19
C GLN A 274 -9.68 13.19 15.76
N THR A 275 -8.48 13.47 15.25
CA THR A 275 -8.31 13.97 13.90
C THR A 275 -8.90 12.98 12.89
N VAL A 276 -8.59 11.70 13.06
CA VAL A 276 -9.11 10.67 12.18
C VAL A 276 -10.63 10.58 12.24
N ALA A 277 -11.19 10.60 13.45
CA ALA A 277 -12.64 10.51 13.62
C ALA A 277 -13.36 11.64 12.87
N THR A 278 -12.87 12.87 13.06
CA THR A 278 -13.46 14.04 12.40
C THR A 278 -13.34 13.87 10.88
N PHE A 279 -12.20 13.37 10.43
CA PHE A 279 -11.97 13.16 9.00
C PHE A 279 -13.01 12.21 8.42
N LEU A 280 -13.17 11.05 9.05
CA LEU A 280 -14.11 10.03 8.59
C LEU A 280 -15.57 10.47 8.70
N ASP A 281 -15.92 11.16 9.78
CA ASP A 281 -17.29 11.64 9.98
C ASP A 281 -17.67 12.67 8.91
N GLU A 282 -16.80 13.65 8.68
CA GLU A 282 -17.07 14.69 7.67
C GLU A 282 -17.16 14.09 6.28
N LEU A 283 -16.27 13.15 5.96
CA LEU A 283 -16.29 12.53 4.65
C LEU A 283 -17.60 11.76 4.44
N ALA A 284 -18.03 11.01 5.46
CA ALA A 284 -19.26 10.23 5.38
C ALA A 284 -20.46 11.14 5.16
N GLN A 285 -20.50 12.25 5.89
CA GLN A 285 -21.61 13.20 5.76
C GLN A 285 -21.66 13.76 4.35
N LYS A 286 -20.50 14.15 3.81
CA LYS A 286 -20.43 14.71 2.47
C LYS A 286 -20.81 13.73 1.36
N LEU A 287 -20.48 12.46 1.55
CA LEU A 287 -20.77 11.43 0.55
C LEU A 287 -22.17 10.85 0.61
N LYS A 288 -22.88 11.10 1.70
CA LYS A 288 -24.23 10.56 1.88
C LYS A 288 -25.16 10.72 0.67
N PRO A 289 -25.34 11.95 0.16
CA PRO A 289 -26.23 12.12 -0.99
C PRO A 289 -25.83 11.30 -2.22
N LEU A 290 -24.53 11.08 -2.41
CA LEU A 290 -24.10 10.29 -3.55
C LEU A 290 -24.46 8.83 -3.29
N GLY A 291 -24.36 8.41 -2.04
CA GLY A 291 -24.70 7.04 -1.69
C GLY A 291 -26.17 6.79 -1.95
N GLU A 292 -27.01 7.75 -1.56
CA GLU A 292 -28.45 7.63 -1.77
C GLU A 292 -28.79 7.47 -3.25
N GLN A 293 -28.14 8.26 -4.10
CA GLN A 293 -28.37 8.20 -5.54
C GLN A 293 -27.98 6.83 -6.10
N GLU A 294 -26.81 6.35 -5.70
CA GLU A 294 -26.31 5.07 -6.18
C GLU A 294 -27.15 3.88 -5.71
N ARG A 295 -27.69 3.95 -4.50
CA ARG A 295 -28.50 2.86 -4.00
C ARG A 295 -29.84 2.86 -4.74
N ALA A 296 -30.35 4.05 -5.08
CA ALA A 296 -31.61 4.14 -5.79
C ALA A 296 -31.43 3.49 -7.17
N VAL A 297 -30.27 3.69 -7.77
CA VAL A 297 -29.99 3.11 -9.09
C VAL A 297 -29.88 1.60 -8.99
N ILE A 298 -29.22 1.11 -7.95
CA ILE A 298 -29.05 -0.33 -7.77
C ILE A 298 -30.39 -1.02 -7.46
N LEU A 299 -31.20 -0.40 -6.61
CA LEU A 299 -32.48 -1.00 -6.25
C LEU A 299 -33.37 -1.14 -7.49
N GLU A 300 -33.32 -0.16 -8.38
CA GLU A 300 -34.10 -0.21 -9.61
C GLU A 300 -33.59 -1.33 -10.51
N LEU A 301 -32.27 -1.48 -10.59
CA LEU A 301 -31.72 -2.53 -11.42
C LEU A 301 -32.13 -3.90 -10.88
N LYS A 302 -32.16 -4.03 -9.56
CA LYS A 302 -32.56 -5.29 -8.95
C LYS A 302 -34.04 -5.57 -9.20
N ARG A 303 -34.87 -4.55 -9.10
CA ARG A 303 -36.30 -4.71 -9.33
C ARG A 303 -36.51 -5.17 -10.76
N ALA A 304 -35.86 -4.49 -11.71
CA ALA A 304 -35.97 -4.82 -13.11
C ALA A 304 -35.47 -6.23 -13.42
N GLU A 305 -34.35 -6.62 -12.80
CA GLU A 305 -33.80 -7.95 -13.05
C GLU A 305 -34.67 -9.05 -12.45
N CYS A 306 -35.20 -8.82 -11.25
CA CYS A 306 -36.03 -9.82 -10.62
C CYS A 306 -37.28 -10.04 -11.47
N GLU A 307 -37.80 -8.96 -12.04
CA GLU A 307 -38.99 -9.02 -12.88
C GLU A 307 -38.68 -9.77 -14.16
N ARG A 308 -37.50 -9.49 -14.72
CA ARG A 308 -37.05 -10.12 -15.95
C ARG A 308 -36.82 -11.63 -15.78
N ARG A 309 -36.22 -12.01 -14.65
CA ARG A 309 -35.94 -13.42 -14.38
C ARG A 309 -37.04 -14.15 -13.61
N GLY A 310 -38.10 -13.43 -13.26
CA GLY A 310 -39.21 -14.05 -12.54
C GLY A 310 -38.85 -14.41 -11.10
N LEU A 311 -37.92 -13.66 -10.53
CA LEU A 311 -37.48 -13.89 -9.15
C LEU A 311 -38.28 -13.00 -8.20
N PRO A 312 -38.36 -13.38 -6.92
CA PRO A 312 -39.10 -12.55 -5.96
C PRO A 312 -38.26 -11.31 -5.66
N PHE A 313 -38.94 -10.19 -5.42
CA PHE A 313 -38.24 -8.92 -5.14
C PHE A 313 -38.60 -8.44 -3.74
N ASP A 314 -37.61 -8.40 -2.84
CA ASP A 314 -37.85 -7.96 -1.48
C ASP A 314 -37.76 -6.46 -1.27
N GLY A 315 -37.47 -5.74 -2.34
CA GLY A 315 -37.36 -4.28 -2.27
C GLY A 315 -36.21 -3.74 -1.44
N ARG A 316 -35.18 -4.56 -1.24
CA ARG A 316 -34.04 -4.12 -0.46
C ARG A 316 -32.72 -4.61 -1.03
N ILE A 317 -31.69 -3.78 -0.90
CA ILE A 317 -30.37 -4.16 -1.38
C ILE A 317 -29.74 -4.97 -0.26
N ARG A 318 -29.33 -6.19 -0.58
CA ARG A 318 -28.73 -7.05 0.43
C ARG A 318 -27.22 -7.09 0.24
N ALA A 319 -26.49 -7.49 1.27
CA ALA A 319 -25.03 -7.56 1.17
C ALA A 319 -24.60 -8.37 -0.05
N TRP A 320 -25.33 -9.44 -0.34
CA TRP A 320 -24.99 -10.29 -1.47
C TRP A 320 -25.46 -9.78 -2.83
N ASP A 321 -25.98 -8.55 -2.85
CA ASP A 321 -26.45 -7.91 -4.09
C ASP A 321 -25.45 -6.85 -4.56
N MET A 322 -24.71 -6.29 -3.60
CA MET A 322 -23.75 -5.24 -3.87
C MET A 322 -22.80 -5.41 -5.04
N ARG A 323 -21.85 -6.33 -4.92
CA ARG A 323 -20.88 -6.54 -6.00
C ARG A 323 -21.54 -6.86 -7.34
N TYR A 324 -22.63 -7.61 -7.30
CA TYR A 324 -23.33 -7.99 -8.52
C TYR A 324 -23.91 -6.79 -9.26
N TYR A 325 -24.72 -6.00 -8.57
CA TYR A 325 -25.31 -4.84 -9.21
C TYR A 325 -24.35 -3.68 -9.42
N MET A 326 -23.28 -3.61 -8.64
CA MET A 326 -22.32 -2.54 -8.87
C MET A 326 -21.66 -2.86 -10.22
N ASN A 327 -21.43 -4.15 -10.47
CA ASN A 327 -20.82 -4.57 -11.74
C ASN A 327 -21.79 -4.29 -12.88
N GLN A 328 -23.08 -4.48 -12.62
CA GLN A 328 -24.08 -4.23 -13.65
C GLN A 328 -24.12 -2.75 -13.97
N VAL A 329 -24.01 -1.92 -12.95
CA VAL A 329 -24.02 -0.46 -13.14
C VAL A 329 -22.86 -0.09 -14.06
N GLU A 330 -21.68 -0.61 -13.75
CA GLU A 330 -20.50 -0.34 -14.54
C GLU A 330 -20.67 -0.76 -16.00
N GLU A 331 -21.20 -1.97 -16.21
CA GLU A 331 -21.37 -2.49 -17.56
C GLU A 331 -22.53 -1.88 -18.35
N THR A 332 -23.66 -1.65 -17.69
CA THR A 332 -24.82 -1.11 -18.38
C THR A 332 -25.01 0.40 -18.27
N ARG A 333 -24.40 1.02 -17.27
CA ARG A 333 -24.55 2.45 -17.06
C ARG A 333 -23.38 3.28 -17.61
N TYR A 334 -22.19 2.70 -17.65
CA TYR A 334 -21.04 3.46 -18.15
C TYR A 334 -20.54 2.95 -19.49
N CYS A 335 -20.87 1.70 -19.80
CA CYS A 335 -20.53 1.08 -21.08
C CYS A 335 -19.15 1.39 -21.66
N VAL A 336 -18.09 0.83 -21.08
CA VAL A 336 -16.75 1.06 -21.61
C VAL A 336 -16.29 -0.24 -22.25
N ASP A 337 -16.05 -0.21 -23.56
CA ASP A 337 -15.61 -1.41 -24.26
C ASP A 337 -14.13 -1.68 -23.94
N GLN A 338 -13.89 -2.33 -22.81
CA GLN A 338 -12.52 -2.63 -22.38
C GLN A 338 -11.75 -3.46 -23.41
N ASN A 339 -12.42 -4.43 -24.03
CA ASN A 339 -11.76 -5.27 -25.01
C ASN A 339 -11.22 -4.45 -26.17
N LEU A 340 -11.95 -3.39 -26.52
CA LEU A 340 -11.53 -2.51 -27.60
C LEU A 340 -10.45 -1.56 -27.10
N LEU A 341 -10.62 -1.07 -25.88
CA LEU A 341 -9.66 -0.14 -25.27
C LEU A 341 -8.26 -0.75 -25.20
N LYS A 342 -8.18 -1.99 -24.73
CA LYS A 342 -6.92 -2.71 -24.60
C LYS A 342 -6.01 -2.62 -25.82
N GLU A 343 -6.62 -2.73 -27.00
CA GLU A 343 -5.87 -2.70 -28.25
C GLU A 343 -5.04 -1.43 -28.44
N TYR A 344 -5.40 -0.37 -27.73
CA TYR A 344 -4.68 0.88 -27.84
C TYR A 344 -3.60 1.02 -26.77
N PHE A 345 -3.45 0.01 -25.93
CA PHE A 345 -2.46 0.08 -24.87
C PHE A 345 -1.46 -1.06 -24.82
N PRO A 346 -0.69 -1.26 -25.91
CA PRO A 346 0.31 -2.33 -25.96
C PRO A 346 1.34 -1.94 -24.91
N VAL A 347 1.83 -2.90 -24.15
CA VAL A 347 2.79 -2.59 -23.10
C VAL A 347 3.98 -1.74 -23.56
N GLN A 348 4.54 -2.05 -24.73
CA GLN A 348 5.69 -1.28 -25.24
C GLN A 348 5.33 0.19 -25.32
N VAL A 349 4.14 0.48 -25.83
CA VAL A 349 3.69 1.85 -25.99
C VAL A 349 3.44 2.56 -24.66
N VAL A 350 2.83 1.84 -23.72
CA VAL A 350 2.54 2.42 -22.42
C VAL A 350 3.87 2.75 -21.73
N THR A 351 4.79 1.80 -21.75
CA THR A 351 6.10 2.01 -21.13
C THR A 351 6.77 3.27 -21.70
N HIS A 352 6.81 3.37 -23.03
CA HIS A 352 7.43 4.52 -23.68
C HIS A 352 6.76 5.84 -23.34
N GLY A 353 5.44 5.86 -23.39
CA GLY A 353 4.70 7.07 -23.07
C GLY A 353 4.81 7.44 -21.59
N LEU A 354 4.72 6.43 -20.73
CA LEU A 354 4.81 6.65 -19.29
C LEU A 354 6.18 7.25 -18.92
N LEU A 355 7.25 6.64 -19.40
CA LEU A 355 8.59 7.15 -19.11
C LEU A 355 8.72 8.57 -19.66
N GLY A 356 8.11 8.80 -20.83
CA GLY A 356 8.16 10.12 -21.44
C GLY A 356 7.49 11.18 -20.59
N ILE A 357 6.35 10.84 -20.01
CA ILE A 357 5.63 11.79 -19.16
C ILE A 357 6.43 12.13 -17.90
N TYR A 358 6.98 11.11 -17.24
CA TYR A 358 7.75 11.35 -16.03
C TYR A 358 9.04 12.14 -16.31
N GLN A 359 9.61 11.94 -17.49
CA GLN A 359 10.83 12.68 -17.87
C GLN A 359 10.53 14.17 -17.91
N GLU A 360 9.49 14.52 -18.65
CA GLU A 360 9.08 15.90 -18.83
C GLU A 360 8.64 16.55 -17.52
N LEU A 361 7.83 15.83 -16.76
CA LEU A 361 7.33 16.33 -15.48
C LEU A 361 8.43 16.65 -14.47
N LEU A 362 9.44 15.79 -14.42
CA LEU A 362 10.52 15.93 -13.45
C LEU A 362 11.85 16.50 -13.95
N GLY A 363 11.93 16.80 -15.24
CA GLY A 363 13.18 17.35 -15.78
C GLY A 363 14.27 16.30 -15.80
N LEU A 364 13.90 15.08 -16.19
CA LEU A 364 14.84 13.98 -16.24
C LEU A 364 14.93 13.36 -17.63
N ALA A 365 15.97 12.56 -17.84
CA ALA A 365 16.18 11.85 -19.08
C ALA A 365 16.58 10.44 -18.62
N PHE A 366 15.90 9.42 -19.13
CA PHE A 366 16.21 8.06 -18.74
C PHE A 366 17.07 7.38 -19.80
N HIS A 367 18.16 6.76 -19.36
CA HIS A 367 19.07 6.11 -20.28
C HIS A 367 19.20 4.62 -20.04
N HIS A 368 18.83 3.83 -21.04
CA HIS A 368 18.91 2.38 -20.94
C HIS A 368 20.39 1.96 -20.91
N GLU A 369 20.75 1.16 -19.91
CA GLU A 369 22.13 0.67 -19.78
C GLU A 369 22.19 -0.71 -20.43
N GLU A 370 22.47 -0.72 -21.73
CA GLU A 370 22.55 -1.96 -22.49
C GLU A 370 23.53 -2.97 -21.91
N GLY A 371 23.09 -4.23 -21.81
CA GLY A 371 23.94 -5.28 -21.28
C GLY A 371 24.22 -5.26 -19.80
N ALA A 372 23.62 -4.33 -19.07
CA ALA A 372 23.83 -4.23 -17.64
C ALA A 372 23.51 -5.55 -16.95
N SER A 373 24.16 -5.80 -15.83
CA SER A 373 23.96 -7.02 -15.06
C SER A 373 22.62 -7.01 -14.35
N ALA A 374 21.87 -8.10 -14.46
CA ALA A 374 20.55 -8.19 -13.83
C ALA A 374 20.22 -9.63 -13.42
N TRP A 375 19.26 -9.77 -12.50
CA TRP A 375 18.85 -11.07 -11.99
C TRP A 375 18.05 -11.91 -12.99
N HIS A 376 17.65 -11.30 -14.11
CA HIS A 376 16.91 -12.00 -15.15
C HIS A 376 17.11 -11.27 -16.48
N GLU A 377 17.14 -12.02 -17.57
CA GLU A 377 17.36 -11.46 -18.90
C GLU A 377 16.33 -10.43 -19.38
N ASP A 378 15.11 -10.49 -18.88
CA ASP A 378 14.09 -9.54 -19.30
C ASP A 378 14.15 -8.23 -18.51
N VAL A 379 15.03 -8.18 -17.52
CA VAL A 379 15.17 -6.99 -16.69
C VAL A 379 15.97 -5.91 -17.41
N ARG A 380 15.53 -4.66 -17.27
CA ARG A 380 16.20 -3.54 -17.91
C ARG A 380 16.63 -2.52 -16.87
N LEU A 381 17.88 -2.04 -16.98
CA LEU A 381 18.42 -1.05 -16.06
C LEU A 381 18.48 0.31 -16.73
N TYR A 382 18.01 1.33 -16.04
CA TYR A 382 18.02 2.70 -16.56
C TYR A 382 18.67 3.68 -15.61
N THR A 383 19.38 4.65 -16.18
CA THR A 383 20.01 5.69 -15.37
C THR A 383 19.24 6.97 -15.60
N ALA A 384 18.76 7.59 -14.52
CA ALA A 384 18.02 8.84 -14.62
C ALA A 384 19.02 9.97 -14.47
N ARG A 385 19.06 10.88 -15.44
CA ARG A 385 19.98 12.01 -15.41
C ARG A 385 19.20 13.32 -15.54
N ASP A 386 19.79 14.40 -15.03
CA ASP A 386 19.17 15.71 -15.13
C ASP A 386 19.16 16.06 -16.62
N ALA A 387 18.02 16.51 -17.12
CA ALA A 387 17.85 16.83 -18.54
C ALA A 387 18.76 17.92 -19.13
N ALA A 388 19.27 18.82 -18.28
CA ALA A 388 20.13 19.89 -18.77
C ALA A 388 21.62 19.67 -18.53
N SER A 389 21.98 19.12 -17.37
CA SER A 389 23.38 18.90 -17.07
C SER A 389 23.84 17.46 -17.33
N GLY A 390 22.89 16.54 -17.43
CA GLY A 390 23.25 15.16 -17.64
C GLY A 390 23.78 14.49 -16.37
N GLU A 391 23.79 15.23 -15.27
CA GLU A 391 24.28 14.67 -14.01
C GLU A 391 23.34 13.55 -13.55
N VAL A 392 23.92 12.47 -13.06
CA VAL A 392 23.15 11.32 -12.60
C VAL A 392 22.33 11.63 -11.35
N VAL A 393 21.06 11.24 -11.37
CA VAL A 393 20.18 11.47 -10.22
C VAL A 393 20.03 10.14 -9.49
N GLY A 394 19.81 9.08 -10.27
CA GLY A 394 19.66 7.76 -9.67
C GLY A 394 19.52 6.71 -10.75
N LYS A 395 19.24 5.47 -10.33
CA LYS A 395 19.08 4.36 -11.27
C LYS A 395 17.88 3.52 -10.90
N PHE A 396 17.27 2.88 -11.89
CA PHE A 396 16.12 2.04 -11.62
C PHE A 396 16.02 0.88 -12.60
N TYR A 397 15.55 -0.26 -12.10
CA TYR A 397 15.36 -1.45 -12.91
C TYR A 397 13.87 -1.63 -13.18
N LEU A 398 13.55 -2.21 -14.33
CA LEU A 398 12.17 -2.50 -14.70
C LEU A 398 12.13 -4.01 -14.94
N ASP A 399 11.31 -4.71 -14.15
CA ASP A 399 11.14 -6.18 -14.23
C ASP A 399 9.62 -6.32 -14.34
N LEU A 400 9.13 -6.24 -15.57
CA LEU A 400 7.70 -6.22 -15.86
C LEU A 400 6.92 -7.49 -16.20
N TYR A 401 7.60 -8.59 -16.51
CA TYR A 401 6.88 -9.80 -16.90
C TYR A 401 6.86 -10.96 -15.90
N PRO A 402 5.75 -11.71 -15.87
CA PRO A 402 5.60 -12.85 -14.96
C PRO A 402 6.60 -13.95 -15.25
N ARG A 403 6.88 -14.76 -14.24
CA ARG A 403 7.77 -15.89 -14.37
C ARG A 403 7.70 -16.69 -13.06
N GLU A 404 8.08 -17.96 -13.13
CA GLU A 404 8.02 -18.79 -11.95
C GLU A 404 8.83 -18.25 -10.78
N GLY A 405 8.19 -18.21 -9.61
CA GLY A 405 8.85 -17.76 -8.40
C GLY A 405 8.89 -16.26 -8.13
N LYS A 406 8.48 -15.46 -9.11
CA LYS A 406 8.50 -14.01 -8.96
C LYS A 406 7.30 -13.39 -8.24
N TYR A 407 7.59 -12.40 -7.40
CA TYR A 407 6.56 -11.67 -6.66
C TYR A 407 5.37 -11.41 -7.59
N GLY A 408 4.18 -11.79 -7.14
CA GLY A 408 2.98 -11.65 -7.97
C GLY A 408 2.27 -10.33 -8.18
N HIS A 409 2.62 -9.29 -7.42
CA HIS A 409 1.97 -8.00 -7.58
C HIS A 409 2.94 -6.90 -8.00
N ALA A 410 2.40 -5.79 -8.48
CA ALA A 410 3.24 -4.68 -8.88
C ALA A 410 3.77 -3.98 -7.62
N ALA A 411 5.04 -3.58 -7.65
CA ALA A 411 5.64 -2.92 -6.50
C ALA A 411 6.96 -2.22 -6.81
N CYS A 412 7.35 -1.33 -5.91
CA CYS A 412 8.60 -0.60 -6.01
C CYS A 412 9.45 -1.06 -4.85
N PHE A 413 10.64 -1.59 -5.15
CA PHE A 413 11.54 -2.03 -4.10
C PHE A 413 12.75 -1.12 -4.03
N GLY A 414 12.95 -0.49 -2.88
CA GLY A 414 14.12 0.36 -2.73
C GLY A 414 15.30 -0.59 -2.54
N LEU A 415 16.38 -0.38 -3.27
CA LEU A 415 17.55 -1.24 -3.16
C LEU A 415 18.71 -0.50 -2.51
N GLN A 416 19.11 0.62 -3.09
CA GLN A 416 20.17 1.44 -2.52
C GLN A 416 19.56 2.78 -2.20
N PRO A 417 19.62 3.20 -0.92
CA PRO A 417 19.04 4.48 -0.51
C PRO A 417 19.89 5.69 -0.91
N GLY A 418 19.21 6.76 -1.32
CA GLY A 418 19.91 7.98 -1.68
C GLY A 418 20.18 8.69 -0.36
N CYS A 419 21.45 8.90 -0.03
CA CYS A 419 21.83 9.56 1.22
C CYS A 419 23.31 9.88 1.14
N LEU A 420 23.89 10.35 2.25
CA LEU A 420 25.31 10.68 2.27
C LEU A 420 26.15 9.52 2.82
N ARG A 421 27.33 9.32 2.23
CA ARG A 421 28.22 8.26 2.67
C ARG A 421 29.02 8.76 3.88
N GLN A 422 29.82 7.88 4.46
CA GLN A 422 30.61 8.23 5.62
C GLN A 422 31.52 9.43 5.37
N ASP A 423 31.98 9.60 4.14
CA ASP A 423 32.87 10.71 3.82
C ASP A 423 32.14 11.99 3.43
N GLY A 424 30.82 11.97 3.46
CA GLY A 424 30.05 13.15 3.11
C GLY A 424 29.57 13.23 1.68
N SER A 425 30.11 12.36 0.82
CA SER A 425 29.69 12.35 -0.58
C SER A 425 28.32 11.69 -0.67
N ARG A 426 27.54 12.05 -1.69
CA ARG A 426 26.21 11.49 -1.85
C ARG A 426 26.19 10.23 -2.70
N GLN A 427 25.48 9.21 -2.23
CA GLN A 427 25.37 7.99 -3.01
C GLN A 427 23.97 8.06 -3.63
N ILE A 428 23.88 7.67 -4.89
CA ILE A 428 22.59 7.70 -5.59
C ILE A 428 21.66 6.60 -5.14
N ALA A 429 20.36 6.82 -5.30
CA ALA A 429 19.38 5.81 -4.96
C ALA A 429 19.24 4.86 -6.14
N ILE A 430 18.96 3.60 -5.85
CA ILE A 430 18.76 2.59 -6.89
C ILE A 430 17.52 1.83 -6.45
N ALA A 431 16.52 1.78 -7.32
CA ALA A 431 15.29 1.09 -7.01
C ALA A 431 14.89 0.18 -8.16
N ALA A 432 13.94 -0.69 -7.89
CA ALA A 432 13.45 -1.61 -8.91
C ALA A 432 11.93 -1.64 -8.93
N MET A 433 11.36 -1.56 -10.12
CA MET A 433 9.91 -1.62 -10.22
C MET A 433 9.56 -2.99 -10.77
N VAL A 434 8.68 -3.68 -10.07
CA VAL A 434 8.27 -5.00 -10.49
C VAL A 434 6.79 -4.99 -10.85
N ALA A 435 6.46 -5.67 -11.94
CA ALA A 435 5.08 -5.77 -12.40
C ALA A 435 4.91 -7.13 -13.04
N ASN A 436 3.67 -7.50 -13.36
CA ASN A 436 3.42 -8.79 -13.97
C ASN A 436 2.51 -8.68 -15.19
N PHE A 437 2.92 -7.82 -16.13
CA PHE A 437 2.16 -7.64 -17.35
C PHE A 437 2.57 -8.76 -18.30
N THR A 438 1.60 -9.31 -19.01
CA THR A 438 1.89 -10.40 -19.94
C THR A 438 3.00 -9.95 -20.89
N LYS A 439 3.97 -10.83 -21.13
CA LYS A 439 5.07 -10.50 -22.03
C LYS A 439 4.62 -10.66 -23.47
N PRO A 440 4.91 -9.66 -24.33
CA PRO A 440 4.54 -9.73 -25.74
C PRO A 440 5.28 -10.85 -26.45
N THR A 441 4.58 -11.59 -27.30
CA THR A 441 5.20 -12.68 -28.05
C THR A 441 4.83 -12.65 -29.53
N ALA A 442 5.50 -13.50 -30.30
CA ALA A 442 5.30 -13.63 -31.74
C ALA A 442 4.06 -12.94 -32.31
N ASP A 443 2.91 -13.60 -32.21
CA ASP A 443 1.67 -13.05 -32.73
C ASP A 443 0.64 -12.83 -31.63
N ALA A 444 1.12 -12.57 -30.42
CA ALA A 444 0.25 -12.33 -29.27
C ALA A 444 0.70 -11.07 -28.54
N PRO A 445 0.15 -9.92 -28.94
CA PRO A 445 0.53 -8.66 -28.29
C PRO A 445 0.05 -8.64 -26.85
N SER A 446 0.76 -7.91 -25.99
CA SER A 446 0.35 -7.81 -24.60
C SER A 446 -0.39 -6.49 -24.48
N LEU A 447 -1.71 -6.57 -24.38
CA LEU A 447 -2.55 -5.39 -24.27
C LEU A 447 -2.93 -5.19 -22.81
N LEU A 448 -2.64 -4.01 -22.29
CA LEU A 448 -2.93 -3.69 -20.89
C LEU A 448 -4.33 -3.16 -20.62
N GLN A 449 -4.93 -3.65 -19.54
CA GLN A 449 -6.25 -3.18 -19.13
C GLN A 449 -5.96 -1.79 -18.58
N HIS A 450 -6.97 -0.95 -18.46
CA HIS A 450 -6.74 0.38 -17.94
C HIS A 450 -6.25 0.36 -16.49
N ASP A 451 -6.69 -0.63 -15.71
CA ASP A 451 -6.27 -0.72 -14.32
C ASP A 451 -4.79 -1.05 -14.21
N GLU A 452 -4.26 -1.74 -15.22
CA GLU A 452 -2.84 -2.08 -15.23
C GLU A 452 -2.03 -0.84 -15.57
N VAL A 453 -2.56 -0.01 -16.47
CA VAL A 453 -1.88 1.23 -16.83
C VAL A 453 -1.88 2.10 -15.57
N GLU A 454 -2.99 2.08 -14.83
CA GLU A 454 -3.09 2.86 -13.61
C GLU A 454 -2.05 2.39 -12.58
N THR A 455 -1.95 1.09 -12.39
CA THR A 455 -0.99 0.52 -11.46
C THR A 455 0.44 0.85 -11.88
N TYR A 456 0.70 0.75 -13.18
CA TYR A 456 2.01 1.04 -13.72
C TYR A 456 2.38 2.49 -13.37
N PHE A 457 1.51 3.43 -13.70
CA PHE A 457 1.79 4.83 -13.44
C PHE A 457 2.00 5.07 -11.94
N HIS A 458 1.16 4.44 -11.13
CA HIS A 458 1.23 4.57 -9.67
C HIS A 458 2.59 4.11 -9.12
N GLU A 459 2.95 2.87 -9.43
CA GLU A 459 4.19 2.29 -8.97
C GLU A 459 5.45 3.03 -9.41
N PHE A 460 5.48 3.48 -10.66
CA PHE A 460 6.65 4.20 -11.12
C PHE A 460 6.79 5.49 -10.35
N GLY A 461 5.67 6.02 -9.87
CA GLY A 461 5.69 7.23 -9.08
C GLY A 461 6.55 7.03 -7.83
N HIS A 462 6.47 5.83 -7.24
CA HIS A 462 7.26 5.51 -6.05
C HIS A 462 8.73 5.43 -6.43
N VAL A 463 9.00 4.92 -7.63
CA VAL A 463 10.40 4.84 -8.09
C VAL A 463 10.96 6.25 -8.15
N MET A 464 10.18 7.19 -8.68
CA MET A 464 10.63 8.58 -8.79
C MET A 464 10.80 9.22 -7.41
N HIS A 465 9.98 8.81 -6.45
CA HIS A 465 10.10 9.34 -5.09
C HIS A 465 11.43 8.84 -4.52
N GLN A 466 11.71 7.56 -4.75
CA GLN A 466 12.96 6.96 -4.28
C GLN A 466 14.19 7.68 -4.86
N LEU A 467 14.17 7.92 -6.16
CA LEU A 467 15.28 8.55 -6.85
C LEU A 467 15.42 10.06 -6.69
N CYS A 468 14.31 10.78 -6.66
CA CYS A 468 14.37 12.23 -6.53
C CYS A 468 14.55 12.77 -5.11
N SER A 469 14.39 11.90 -4.11
CA SER A 469 14.56 12.35 -2.73
C SER A 469 16.04 12.67 -2.53
N GLN A 470 16.34 13.67 -1.72
CA GLN A 470 17.72 14.03 -1.48
C GLN A 470 18.04 14.11 0.01
N ALA A 471 17.43 13.22 0.79
CA ALA A 471 17.69 13.19 2.22
C ALA A 471 19.17 12.87 2.44
N GLU A 472 19.71 13.27 3.58
CA GLU A 472 21.12 12.99 3.87
C GLU A 472 21.25 11.74 4.73
N PHE A 473 20.21 11.45 5.51
CA PHE A 473 20.22 10.27 6.38
C PHE A 473 19.39 9.16 5.76
N ALA A 474 19.93 7.94 5.79
CA ALA A 474 19.25 6.77 5.23
C ALA A 474 17.84 6.58 5.79
N MET A 475 17.68 6.86 7.07
CA MET A 475 16.40 6.71 7.74
C MET A 475 15.30 7.54 7.06
N PHE A 476 15.68 8.65 6.44
CA PHE A 476 14.73 9.54 5.78
C PHE A 476 14.74 9.43 4.26
N SER A 477 15.51 8.49 3.72
CA SER A 477 15.59 8.37 2.28
C SER A 477 14.31 7.89 1.61
N GLY A 478 14.14 8.34 0.37
CA GLY A 478 13.00 7.95 -0.44
C GLY A 478 11.61 7.97 0.14
N THR A 479 10.96 6.81 0.12
CA THR A 479 9.59 6.69 0.60
C THR A 479 9.41 6.50 2.11
N HIS A 480 10.46 6.81 2.88
CA HIS A 480 10.36 6.70 4.34
C HIS A 480 9.65 7.91 4.94
N VAL A 481 8.37 8.02 4.64
CA VAL A 481 7.54 9.12 5.13
C VAL A 481 6.39 8.52 5.94
N GLU A 482 5.52 9.37 6.47
CA GLU A 482 4.38 8.91 7.26
C GLU A 482 3.59 7.85 6.49
N ARG A 483 3.13 6.82 7.20
CA ARG A 483 2.38 5.75 6.56
C ARG A 483 1.10 6.22 5.90
N ASP A 484 0.49 7.28 6.43
CA ASP A 484 -0.74 7.76 5.82
C ASP A 484 -0.50 8.80 4.72
N PHE A 485 0.77 8.97 4.35
CA PHE A 485 1.12 9.90 3.29
C PHE A 485 1.93 9.24 2.16
N VAL A 486 2.60 8.12 2.45
CA VAL A 486 3.42 7.46 1.43
C VAL A 486 2.73 7.15 0.11
N GLU A 487 1.42 6.89 0.17
CA GLU A 487 0.67 6.58 -1.04
C GLU A 487 0.15 7.85 -1.75
N ALA A 488 0.11 8.97 -1.03
CA ALA A 488 -0.43 10.20 -1.61
C ALA A 488 0.24 10.66 -2.91
N PRO A 489 1.58 10.69 -2.97
CA PRO A 489 2.19 11.13 -4.22
C PRO A 489 1.80 10.26 -5.43
N SER A 490 1.77 8.95 -5.24
CA SER A 490 1.42 8.03 -6.33
C SER A 490 -0.06 8.11 -6.70
N GLN A 491 -0.91 8.33 -5.71
CA GLN A 491 -2.33 8.45 -5.99
C GLN A 491 -2.58 9.77 -6.72
N MET A 492 -1.78 10.78 -6.40
CA MET A 492 -1.92 12.06 -7.09
C MET A 492 -1.58 11.79 -8.57
N LEU A 493 -0.50 11.06 -8.80
CA LEU A 493 -0.05 10.73 -10.15
C LEU A 493 -1.03 9.86 -10.95
N GLU A 494 -1.83 9.04 -10.26
CA GLU A 494 -2.80 8.19 -10.96
C GLU A 494 -3.75 9.06 -11.80
N ASN A 495 -3.98 10.29 -11.36
CA ASN A 495 -4.86 11.19 -12.09
C ASN A 495 -4.49 11.33 -13.56
N TRP A 496 -3.21 11.14 -13.87
CA TRP A 496 -2.75 11.24 -15.24
C TRP A 496 -3.41 10.21 -16.17
N VAL A 497 -3.73 9.03 -15.66
CA VAL A 497 -4.36 8.02 -16.50
C VAL A 497 -5.85 8.26 -16.67
N TRP A 498 -6.34 9.39 -16.16
CA TRP A 498 -7.74 9.75 -16.30
C TRP A 498 -7.84 11.11 -16.99
N GLU A 499 -6.76 11.49 -17.68
CA GLU A 499 -6.70 12.75 -18.43
C GLU A 499 -6.42 12.38 -19.88
N GLN A 500 -7.08 13.06 -20.80
CA GLN A 500 -6.92 12.75 -22.22
C GLN A 500 -5.53 12.90 -22.82
N GLU A 501 -4.89 14.04 -22.61
CA GLU A 501 -3.55 14.28 -23.16
C GLU A 501 -2.54 13.21 -22.73
N PRO A 502 -2.43 12.95 -21.41
CA PRO A 502 -1.47 11.92 -20.96
C PRO A 502 -1.82 10.54 -21.53
N LEU A 503 -3.11 10.20 -21.56
CA LEU A 503 -3.53 8.91 -22.10
C LEU A 503 -3.14 8.75 -23.56
N LEU A 504 -3.28 9.82 -24.34
CA LEU A 504 -2.93 9.77 -25.75
C LEU A 504 -1.43 9.55 -25.93
N ARG A 505 -0.63 9.99 -24.97
CA ARG A 505 0.81 9.81 -25.04
C ARG A 505 1.23 8.39 -24.67
N MET A 506 0.32 7.65 -24.04
CA MET A 506 0.61 6.28 -23.63
C MET A 506 -0.18 5.26 -24.43
N SER A 507 -0.79 5.70 -25.53
CA SER A 507 -1.59 4.78 -26.33
C SER A 507 -1.34 4.85 -27.84
N ARG A 508 -1.75 3.79 -28.53
CA ARG A 508 -1.61 3.67 -29.97
C ARG A 508 -2.14 2.29 -30.33
N HIS A 509 -3.09 2.21 -31.27
CA HIS A 509 -3.61 0.90 -31.63
C HIS A 509 -2.41 0.04 -31.99
N TYR A 510 -2.30 -1.12 -31.35
CA TYR A 510 -1.15 -1.99 -31.57
C TYR A 510 -0.92 -2.39 -33.02
N ARG A 511 -1.99 -2.45 -33.80
CA ARG A 511 -1.85 -2.85 -35.20
C ARG A 511 -1.96 -1.72 -36.20
N THR A 512 -3.05 -0.96 -36.14
CA THR A 512 -3.28 0.13 -37.09
C THR A 512 -2.55 1.41 -36.77
N GLY A 513 -2.03 1.54 -35.55
CA GLY A 513 -1.32 2.75 -35.19
C GLY A 513 -2.22 3.96 -34.98
N SER A 514 -3.52 3.75 -35.04
CA SER A 514 -4.49 4.84 -34.86
C SER A 514 -4.61 5.27 -33.40
N ALA A 515 -5.02 6.51 -33.17
CA ALA A 515 -5.18 7.05 -31.84
C ALA A 515 -6.52 6.62 -31.23
N VAL A 516 -6.58 6.60 -29.91
CA VAL A 516 -7.82 6.23 -29.25
C VAL A 516 -8.87 7.28 -29.60
N PRO A 517 -10.06 6.84 -30.05
CA PRO A 517 -11.12 7.79 -30.40
C PRO A 517 -11.53 8.61 -29.18
N ARG A 518 -11.70 9.91 -29.35
CA ARG A 518 -12.10 10.79 -28.26
C ARG A 518 -13.36 10.31 -27.57
N GLU A 519 -14.27 9.73 -28.34
CA GLU A 519 -15.53 9.22 -27.81
C GLU A 519 -15.23 8.11 -26.80
N LEU A 520 -14.24 7.27 -27.12
CA LEU A 520 -13.86 6.19 -26.23
C LEU A 520 -13.17 6.74 -24.98
N LEU A 521 -12.32 7.74 -25.16
CA LEU A 521 -11.61 8.35 -24.04
C LEU A 521 -12.60 8.96 -23.07
N GLU A 522 -13.61 9.64 -23.61
CA GLU A 522 -14.62 10.29 -22.79
C GLU A 522 -15.32 9.29 -21.88
N LYS A 523 -15.83 8.21 -22.46
CA LYS A 523 -16.53 7.19 -21.68
C LYS A 523 -15.60 6.60 -20.61
N LEU A 524 -14.37 6.31 -21.01
CA LEU A 524 -13.40 5.75 -20.07
C LEU A 524 -13.25 6.66 -18.86
N ILE A 525 -12.98 7.94 -19.11
CA ILE A 525 -12.80 8.89 -18.02
C ILE A 525 -14.05 8.98 -17.15
N GLU A 526 -15.22 8.93 -17.79
CA GLU A 526 -16.48 9.01 -17.06
C GLU A 526 -16.69 7.79 -16.16
N SER A 527 -16.23 6.62 -16.61
CA SER A 527 -16.40 5.39 -15.86
C SER A 527 -15.67 5.39 -14.51
N ARG A 528 -14.77 6.35 -14.32
CA ARG A 528 -14.02 6.45 -13.07
C ARG A 528 -14.94 6.63 -11.87
N GLN A 529 -16.07 7.30 -12.09
CA GLN A 529 -17.02 7.58 -11.02
C GLN A 529 -17.99 6.46 -10.69
N ALA A 530 -18.02 5.42 -11.51
CA ALA A 530 -18.95 4.31 -11.29
C ALA A 530 -18.90 3.73 -9.87
N ASN A 531 -20.04 3.74 -9.19
CA ASN A 531 -20.16 3.22 -7.84
C ASN A 531 -19.18 3.79 -6.82
N THR A 532 -18.59 4.94 -7.12
CA THR A 532 -17.63 5.53 -6.21
C THR A 532 -18.20 5.95 -4.85
N GLY A 533 -19.47 6.31 -4.82
CA GLY A 533 -20.07 6.71 -3.56
C GLY A 533 -20.15 5.53 -2.60
N LEU A 534 -20.67 4.41 -3.08
CA LEU A 534 -20.80 3.23 -2.25
C LEU A 534 -19.46 2.56 -1.97
N PHE A 535 -18.53 2.65 -2.91
CA PHE A 535 -17.20 2.06 -2.68
C PHE A 535 -16.54 2.78 -1.51
N ASN A 536 -16.61 4.09 -1.54
CA ASN A 536 -15.99 4.90 -0.49
C ASN A 536 -16.73 4.82 0.84
N LEU A 537 -18.05 4.77 0.81
CA LEU A 537 -18.81 4.66 2.06
C LEU A 537 -18.45 3.34 2.73
N ARG A 538 -18.20 2.30 1.94
CA ARG A 538 -17.84 1.02 2.55
C ARG A 538 -16.44 1.12 3.17
N GLN A 539 -15.52 1.79 2.49
CA GLN A 539 -14.18 1.96 3.05
C GLN A 539 -14.26 2.73 4.36
N ILE A 540 -15.18 3.68 4.44
CA ILE A 540 -15.36 4.47 5.67
C ILE A 540 -15.86 3.57 6.80
N VAL A 541 -16.76 2.66 6.48
CA VAL A 541 -17.27 1.72 7.47
C VAL A 541 -16.08 0.93 8.02
N LEU A 542 -15.24 0.42 7.13
CA LEU A 542 -14.08 -0.36 7.55
C LEU A 542 -13.11 0.47 8.40
N ALA A 543 -12.87 1.71 7.99
CA ALA A 543 -11.96 2.58 8.72
C ALA A 543 -12.52 2.88 10.12
N LYS A 544 -13.81 3.10 10.20
CA LYS A 544 -14.46 3.39 11.47
C LYS A 544 -14.45 2.19 12.42
N VAL A 545 -14.65 0.98 11.88
CA VAL A 545 -14.63 -0.20 12.74
C VAL A 545 -13.22 -0.35 13.33
N ASP A 546 -12.22 -0.13 12.50
CA ASP A 546 -10.82 -0.21 12.91
C ASP A 546 -10.53 0.81 14.03
N GLN A 547 -11.05 2.02 13.89
CA GLN A 547 -10.85 3.06 14.91
C GLN A 547 -11.61 2.75 16.20
N ALA A 548 -12.84 2.25 16.05
CA ALA A 548 -13.66 1.92 17.21
C ALA A 548 -13.00 0.85 18.08
N LEU A 549 -12.50 -0.20 17.43
CA LEU A 549 -11.85 -1.29 18.15
C LEU A 549 -10.58 -0.85 18.86
N HIS A 550 -9.92 0.17 18.33
CA HIS A 550 -8.68 0.63 18.93
C HIS A 550 -8.79 1.95 19.70
N THR A 551 -10.01 2.30 20.11
CA THR A 551 -10.24 3.51 20.90
C THR A 551 -11.31 3.20 21.96
N GLN A 552 -12.21 2.29 21.61
CA GLN A 552 -13.30 1.89 22.49
C GLN A 552 -12.80 0.83 23.47
N THR A 553 -13.48 0.71 24.61
CA THR A 553 -13.09 -0.27 25.62
C THR A 553 -13.67 -1.65 25.36
N ASP A 554 -15.00 -1.72 25.30
CA ASP A 554 -15.68 -2.99 25.09
C ASP A 554 -16.69 -2.98 23.94
N ALA A 555 -16.31 -2.35 22.82
CA ALA A 555 -17.20 -2.32 21.67
C ALA A 555 -17.23 -3.71 21.03
N ASP A 556 -18.42 -4.17 20.64
CA ASP A 556 -18.53 -5.47 20.01
C ASP A 556 -18.31 -5.31 18.50
N PRO A 557 -17.25 -5.94 17.98
CA PRO A 557 -16.90 -5.86 16.55
C PRO A 557 -18.06 -6.09 15.58
N ALA A 558 -18.74 -7.22 15.73
CA ALA A 558 -19.85 -7.55 14.85
C ALA A 558 -20.96 -6.50 14.91
N GLU A 559 -21.33 -6.08 16.12
CA GLU A 559 -22.38 -5.08 16.29
C GLU A 559 -21.99 -3.70 15.74
N GLU A 560 -20.74 -3.29 15.97
CA GLU A 560 -20.29 -2.00 15.46
C GLU A 560 -20.32 -2.00 13.95
N TYR A 561 -19.85 -3.09 13.35
CA TYR A 561 -19.84 -3.23 11.90
C TYR A 561 -21.27 -3.19 11.35
N ALA A 562 -22.18 -3.91 12.00
CA ALA A 562 -23.57 -3.94 11.56
C ALA A 562 -24.21 -2.57 11.63
N ARG A 563 -24.00 -1.87 12.75
CA ARG A 563 -24.57 -0.53 12.93
C ARG A 563 -24.05 0.42 11.86
N LEU A 564 -22.74 0.39 11.62
CA LEU A 564 -22.12 1.27 10.63
C LEU A 564 -22.60 0.95 9.22
N CYS A 565 -22.76 -0.33 8.91
CA CYS A 565 -23.23 -0.73 7.59
C CYS A 565 -24.61 -0.12 7.29
N GLN A 566 -25.49 -0.14 8.28
CA GLN A 566 -26.83 0.40 8.10
C GLN A 566 -26.84 1.93 8.04
N GLU A 567 -26.18 2.56 9.00
CA GLU A 567 -26.15 4.02 9.06
C GLU A 567 -25.31 4.72 8.00
N ILE A 568 -24.22 4.09 7.55
CA ILE A 568 -23.36 4.73 6.56
C ILE A 568 -23.48 4.19 5.15
N LEU A 569 -23.35 2.87 4.99
CA LEU A 569 -23.44 2.26 3.67
C LEU A 569 -24.87 2.14 3.15
N GLY A 570 -25.83 1.95 4.05
CA GLY A 570 -27.20 1.81 3.64
C GLY A 570 -27.55 0.39 3.22
N VAL A 571 -26.61 -0.54 3.46
CA VAL A 571 -26.79 -1.95 3.14
C VAL A 571 -26.47 -2.73 4.40
N PRO A 572 -27.46 -3.47 4.93
CA PRO A 572 -27.30 -4.26 6.16
C PRO A 572 -26.31 -5.41 6.12
N ALA A 573 -25.65 -5.61 7.25
CA ALA A 573 -24.72 -6.72 7.39
C ALA A 573 -25.65 -7.92 7.56
N THR A 574 -25.28 -9.04 6.96
CA THR A 574 -26.10 -10.24 7.05
C THR A 574 -26.10 -10.81 8.47
N PRO A 575 -27.29 -10.98 9.05
CA PRO A 575 -27.38 -11.54 10.41
C PRO A 575 -26.61 -12.85 10.53
N GLY A 576 -25.97 -13.06 11.67
CA GLY A 576 -25.20 -14.29 11.87
C GLY A 576 -23.78 -14.25 11.35
N THR A 577 -23.41 -13.20 10.62
CA THR A 577 -22.05 -13.12 10.11
C THR A 577 -21.17 -12.30 11.03
N ASN A 578 -19.88 -12.23 10.72
CA ASN A 578 -18.96 -11.44 11.51
C ASN A 578 -17.79 -11.08 10.61
N MET A 579 -17.98 -10.05 9.79
CA MET A 579 -16.97 -9.59 8.86
C MET A 579 -15.68 -9.18 9.58
N PRO A 580 -15.77 -8.48 10.73
CA PRO A 580 -14.54 -8.10 11.44
C PRO A 580 -13.65 -9.30 11.79
N ALA A 581 -14.28 -10.45 12.03
CA ALA A 581 -13.54 -11.66 12.37
C ALA A 581 -12.73 -12.21 11.18
N THR A 582 -12.96 -11.63 10.01
CA THR A 582 -12.26 -12.01 8.79
C THR A 582 -11.44 -10.82 8.29
N PHE A 583 -11.51 -9.71 9.01
CA PHE A 583 -10.81 -8.50 8.62
C PHE A 583 -9.32 -8.60 8.90
N GLY A 584 -8.59 -9.20 7.96
CA GLY A 584 -7.15 -9.40 8.08
C GLY A 584 -6.29 -8.21 8.45
N HIS A 585 -6.65 -7.02 7.95
CA HIS A 585 -5.87 -5.82 8.26
C HIS A 585 -5.75 -5.59 9.76
N LEU A 586 -6.75 -6.01 10.52
CA LEU A 586 -6.73 -5.83 11.97
C LEU A 586 -5.58 -6.61 12.63
N ALA A 587 -5.06 -7.62 11.94
CA ALA A 587 -3.96 -8.41 12.48
C ALA A 587 -2.79 -8.46 11.51
N GLY A 588 -2.75 -7.52 10.58
CA GLY A 588 -1.67 -7.50 9.60
C GLY A 588 -0.83 -6.24 9.61
N GLY A 589 -0.79 -5.55 10.74
CA GLY A 589 0.02 -4.33 10.82
C GLY A 589 -0.71 -3.05 10.44
N TYR A 590 -1.97 -3.15 10.08
CA TYR A 590 -2.73 -1.96 9.71
C TYR A 590 -3.65 -1.52 10.84
N ASP A 591 -3.52 -2.17 12.00
CA ASP A 591 -4.37 -1.83 13.13
C ASP A 591 -4.31 -0.35 13.44
N ALA A 592 -5.48 0.28 13.43
CA ALA A 592 -5.66 1.70 13.70
C ALA A 592 -5.24 2.61 12.54
N GLN A 593 -4.85 2.02 11.42
CA GLN A 593 -4.40 2.83 10.28
C GLN A 593 -5.20 2.61 9.01
N TYR A 594 -6.28 1.83 9.07
CA TYR A 594 -7.04 1.57 7.86
C TYR A 594 -7.48 2.85 7.16
N TYR A 595 -7.83 3.86 7.96
CA TYR A 595 -8.27 5.15 7.43
C TYR A 595 -7.19 5.73 6.49
N GLY A 596 -5.96 5.26 6.64
CA GLY A 596 -4.87 5.75 5.82
C GLY A 596 -5.11 5.68 4.32
N TYR A 597 -5.88 4.67 3.89
CA TYR A 597 -6.18 4.51 2.47
C TYR A 597 -7.00 5.71 1.97
N LEU A 598 -8.03 6.07 2.72
CA LEU A 598 -8.87 7.22 2.36
C LEU A 598 -8.13 8.53 2.56
N TRP A 599 -7.35 8.61 3.64
CA TRP A 599 -6.58 9.81 3.94
C TRP A 599 -5.66 10.21 2.78
N SER A 600 -4.86 9.28 2.30
CA SER A 600 -3.93 9.58 1.21
C SER A 600 -4.65 9.91 -0.09
N GLU A 601 -5.70 9.15 -0.40
CA GLU A 601 -6.44 9.39 -1.63
C GLU A 601 -7.15 10.73 -1.62
N VAL A 602 -7.81 11.06 -0.52
CA VAL A 602 -8.51 12.33 -0.44
C VAL A 602 -7.56 13.51 -0.64
N TYR A 603 -6.49 13.55 0.14
CA TYR A 603 -5.54 14.65 0.02
C TYR A 603 -4.69 14.62 -1.25
N SER A 604 -4.57 13.46 -1.89
CA SER A 604 -3.80 13.40 -3.13
C SER A 604 -4.57 14.18 -4.20
N MET A 605 -5.90 14.24 -4.09
CA MET A 605 -6.69 14.97 -5.06
C MET A 605 -6.53 16.48 -4.88
N ASP A 606 -6.25 16.91 -3.65
CA ASP A 606 -6.04 18.32 -3.38
C ASP A 606 -4.72 18.70 -4.06
N MET A 607 -3.71 17.84 -3.89
CA MET A 607 -2.41 18.06 -4.51
C MET A 607 -2.55 18.20 -6.02
N PHE A 608 -3.27 17.26 -6.63
CA PHE A 608 -3.48 17.28 -8.07
C PHE A 608 -4.32 18.43 -8.57
N HIS A 609 -5.50 18.61 -8.00
CA HIS A 609 -6.39 19.68 -8.44
C HIS A 609 -5.84 21.09 -8.22
N THR A 610 -5.35 21.34 -7.01
CA THR A 610 -4.83 22.66 -6.67
C THR A 610 -3.61 23.13 -7.46
N ARG A 611 -2.70 22.22 -7.77
CA ARG A 611 -1.50 22.62 -8.49
C ARG A 611 -1.48 22.23 -9.97
N PHE A 612 -1.56 20.95 -10.26
CA PHE A 612 -1.49 20.49 -11.65
C PHE A 612 -2.69 20.81 -12.54
N LYS A 613 -3.89 20.76 -12.00
CA LYS A 613 -5.06 21.04 -12.81
C LYS A 613 -5.20 22.53 -13.11
N GLN A 614 -4.73 23.37 -12.19
CA GLN A 614 -4.80 24.82 -12.35
C GLN A 614 -3.65 25.43 -13.17
N GLU A 615 -2.45 24.83 -13.08
CA GLU A 615 -1.28 25.35 -13.78
C GLU A 615 -0.77 24.53 -14.97
N GLY A 616 -1.40 23.40 -15.25
CA GLY A 616 -0.98 22.59 -16.38
C GLY A 616 -0.53 21.19 -16.01
N VAL A 617 -1.35 20.19 -16.36
CA VAL A 617 -1.07 18.79 -16.07
C VAL A 617 0.27 18.29 -16.62
N LEU A 618 0.74 18.93 -17.68
CA LEU A 618 2.01 18.55 -18.29
C LEU A 618 2.98 19.72 -18.26
N ASN A 619 2.76 20.62 -17.31
CA ASN A 619 3.61 21.79 -17.15
C ASN A 619 4.84 21.38 -16.32
N SER A 620 6.02 21.56 -16.88
CA SER A 620 7.25 21.19 -16.19
C SER A 620 7.54 22.08 -14.98
N LYS A 621 7.00 23.29 -14.99
CA LYS A 621 7.22 24.22 -13.88
C LYS A 621 6.53 23.68 -12.61
N VAL A 622 5.31 23.18 -12.77
CA VAL A 622 4.58 22.62 -11.63
C VAL A 622 5.28 21.32 -11.25
N GLY A 623 5.68 20.56 -12.26
CA GLY A 623 6.37 19.31 -12.01
C GLY A 623 7.63 19.49 -11.19
N MET A 624 8.38 20.55 -11.46
CA MET A 624 9.62 20.78 -10.69
C MET A 624 9.30 21.21 -9.26
N ASP A 625 8.19 21.91 -9.06
CA ASP A 625 7.79 22.32 -7.71
C ASP A 625 7.41 21.05 -6.93
N TYR A 626 6.72 20.13 -7.61
CA TYR A 626 6.31 18.87 -7.01
C TYR A 626 7.57 18.11 -6.60
N ARG A 627 8.51 18.00 -7.52
CA ARG A 627 9.76 17.30 -7.24
C ARG A 627 10.45 17.95 -6.04
N SER A 628 10.50 19.28 -6.02
CA SER A 628 11.15 20.00 -4.93
C SER A 628 10.43 19.98 -3.58
N CYS A 629 9.13 20.22 -3.58
CA CYS A 629 8.36 20.25 -2.33
C CYS A 629 7.98 18.90 -1.75
N ILE A 630 7.62 17.97 -2.62
CA ILE A 630 7.16 16.66 -2.17
C ILE A 630 8.17 15.52 -2.18
N LEU A 631 8.88 15.35 -3.29
CA LEU A 631 9.82 14.24 -3.40
C LEU A 631 11.20 14.46 -2.78
N ARG A 632 11.80 15.60 -3.03
CA ARG A 632 13.14 15.90 -2.56
C ARG A 632 13.42 15.71 -1.05
N PRO A 633 12.47 16.10 -0.19
CA PRO A 633 12.74 15.93 1.24
C PRO A 633 12.79 14.48 1.73
N GLY A 634 12.10 13.58 1.04
CA GLY A 634 12.05 12.21 1.50
C GLY A 634 11.34 12.35 2.84
N GLY A 635 11.82 11.65 3.87
CA GLY A 635 11.18 11.77 5.17
C GLY A 635 11.87 12.77 6.09
N SER A 636 12.68 13.67 5.52
CA SER A 636 13.40 14.67 6.32
C SER A 636 12.50 15.84 6.71
N GLU A 637 11.27 15.85 6.20
CA GLU A 637 10.32 16.91 6.52
C GLU A 637 8.95 16.25 6.77
N ASP A 638 8.17 16.78 7.71
CA ASP A 638 6.84 16.21 7.97
C ASP A 638 5.97 16.38 6.72
N ALA A 639 5.06 15.45 6.48
CA ALA A 639 4.17 15.53 5.33
C ALA A 639 3.35 16.82 5.37
N SER A 640 2.87 17.19 6.55
CA SER A 640 2.05 18.39 6.70
C SER A 640 2.81 19.64 6.25
N ALA A 641 4.11 19.67 6.53
CA ALA A 641 4.92 20.82 6.13
C ALA A 641 5.18 20.81 4.61
N MET A 642 5.39 19.63 4.04
CA MET A 642 5.62 19.54 2.59
C MET A 642 4.36 19.95 1.83
N LEU A 643 3.21 19.51 2.33
CA LEU A 643 1.94 19.84 1.69
C LEU A 643 1.64 21.31 1.82
N ARG A 644 1.90 21.88 3.00
CA ARG A 644 1.63 23.29 3.22
C ARG A 644 2.44 24.14 2.24
N ARG A 645 3.68 23.71 1.95
CA ARG A 645 4.53 24.43 1.01
C ARG A 645 4.06 24.22 -0.42
N PHE A 646 3.64 23.01 -0.75
CA PHE A 646 3.20 22.70 -2.10
C PHE A 646 1.83 23.31 -2.44
N LEU A 647 0.91 23.26 -1.49
CA LEU A 647 -0.44 23.80 -1.70
C LEU A 647 -0.57 25.26 -1.33
N GLY A 648 0.31 25.73 -0.44
CA GLY A 648 0.25 27.11 -0.01
C GLY A 648 -0.75 27.25 1.14
N ARG A 649 -1.19 26.11 1.67
CA ARG A 649 -2.16 26.05 2.76
C ARG A 649 -2.29 24.60 3.18
N ASP A 650 -3.03 24.34 4.25
CA ASP A 650 -3.23 22.96 4.68
C ASP A 650 -4.22 22.31 3.72
N PRO A 651 -4.10 21.00 3.51
CA PRO A 651 -4.99 20.27 2.61
C PRO A 651 -6.45 20.22 3.10
N LYS A 652 -7.37 20.00 2.16
CA LYS A 652 -8.79 19.91 2.46
C LYS A 652 -9.44 18.78 1.67
N GLN A 653 -10.66 18.42 2.04
CA GLN A 653 -11.37 17.35 1.34
C GLN A 653 -12.10 17.90 0.11
N ASP A 654 -12.14 19.22 -0.01
CA ASP A 654 -12.83 19.90 -1.12
C ASP A 654 -12.57 19.36 -2.52
N ALA A 655 -11.31 19.20 -2.90
CA ALA A 655 -10.99 18.70 -4.24
C ALA A 655 -11.53 17.29 -4.49
N PHE A 656 -11.38 16.42 -3.50
CA PHE A 656 -11.85 15.03 -3.61
C PHE A 656 -13.35 15.00 -3.85
N LEU A 657 -14.11 15.74 -3.05
CA LEU A 657 -15.56 15.77 -3.19
C LEU A 657 -15.96 16.36 -4.54
N LEU A 658 -15.29 17.43 -4.95
CA LEU A 658 -15.58 18.06 -6.23
C LEU A 658 -15.36 17.07 -7.37
N SER A 659 -14.31 16.23 -7.25
CA SER A 659 -14.01 15.25 -8.30
C SER A 659 -15.14 14.22 -8.38
N LYS A 660 -15.91 14.11 -7.31
CA LYS A 660 -17.02 13.16 -7.25
C LYS A 660 -18.32 13.80 -7.73
N GLY A 661 -18.24 15.08 -8.11
CA GLY A 661 -19.41 15.78 -8.60
C GLY A 661 -20.23 16.42 -7.49
N LEU A 662 -19.66 16.46 -6.29
CA LEU A 662 -20.36 17.05 -5.14
C LEU A 662 -20.01 18.53 -5.01
ZN ZN B . 1.74 2.75 -3.67
#